data_1ESQ
#
_entry.id   1ESQ
#
_cell.length_a   54.08
_cell.length_b   100.84
_cell.length_c   72.51
_cell.angle_alpha   90
_cell.angle_beta   95.1
_cell.angle_gamma   90
#
_symmetry.space_group_name_H-M   'P 1 21 1'
#
loop_
_entity.id
_entity.type
_entity.pdbx_description
1 polymer 'HYDROXYETHYLTHIAZOLE KINASE'
2 non-polymer 'MAGNESIUM ION'
3 non-polymer "ADENOSINE-5'-TRIPHOSPHATE"
4 non-polymer '4-METHYL-5-HYDROXYETHYLTHIAZOLE PHOSPHATE'
5 non-polymer 'SULFATE ION'
6 water water
#
_entity_poly.entity_id   1
_entity_poly.type   'polypeptide(L)'
_entity_poly.pdbx_seq_one_letter_code
;MRGSHHHHHHGSMDAQSAAKCLTAVRRHSPLVHSITNNVVTNFTANGLLALGASPVMAYAKEEVADMAKIAGALVLNIGT
LSKESVEAMIIAGKSANEHGVPVILDPVGAGATPFRTESARDIIREVRLAAIRGNAAEIAHTVGVTDWLIKGVDAGEGGG
DIIRLAQQAAQKLNTVIAITGEVDVIADTSHVYTLHNGHKLLTKVTGAGSLLTSVVGAFCAVEENPLFAAIAAISSYGVA
AQLAAQQTADKGPGSFQIELLNKLSTVTEQDVQEWATIERVTVS
;
_entity_poly.pdbx_strand_id   A,B,C
#
# COMPACT_ATOMS: atom_id res chain seq x y z
N MET A 13 -24.26 -2.91 -28.32
CA MET A 13 -23.64 -3.18 -26.98
C MET A 13 -24.48 -2.50 -25.90
N ASP A 14 -25.15 -3.30 -25.07
CA ASP A 14 -25.98 -2.73 -24.02
C ASP A 14 -25.80 -3.36 -22.64
N ALA A 15 -26.66 -2.98 -21.70
CA ALA A 15 -26.60 -3.47 -20.33
C ALA A 15 -26.52 -4.99 -20.22
N GLN A 16 -27.28 -5.69 -21.06
CA GLN A 16 -27.30 -7.15 -21.04
C GLN A 16 -25.94 -7.74 -21.41
N SER A 17 -25.27 -7.17 -22.41
CA SER A 17 -23.97 -7.67 -22.82
C SER A 17 -22.94 -7.41 -21.72
N ALA A 18 -22.97 -6.20 -21.18
CA ALA A 18 -22.05 -5.83 -20.12
C ALA A 18 -22.14 -6.84 -18.97
N ALA A 19 -23.33 -6.96 -18.38
CA ALA A 19 -23.53 -7.88 -17.27
C ALA A 19 -22.98 -9.27 -17.55
N LYS A 20 -23.20 -9.76 -18.76
CA LYS A 20 -22.73 -11.09 -19.13
C LYS A 20 -21.21 -11.16 -19.13
N CYS A 21 -20.54 -10.08 -19.51
CA CYS A 21 -19.07 -10.05 -19.53
C CYS A 21 -18.52 -10.08 -18.11
N LEU A 22 -19.27 -9.49 -17.18
CA LEU A 22 -18.87 -9.44 -15.77
C LEU A 22 -18.88 -10.85 -15.19
N THR A 23 -19.90 -11.62 -15.56
CA THR A 23 -20.02 -13.00 -15.11
C THR A 23 -18.89 -13.87 -15.67
N ALA A 24 -18.42 -13.55 -16.88
CA ALA A 24 -17.34 -14.30 -17.49
C ALA A 24 -16.01 -13.99 -16.81
N VAL A 25 -15.83 -12.76 -16.35
CA VAL A 25 -14.59 -12.41 -15.67
C VAL A 25 -14.52 -13.25 -14.40
N ARG A 26 -15.66 -13.41 -13.74
CA ARG A 26 -15.74 -14.18 -12.51
C ARG A 26 -15.59 -15.68 -12.75
N ARG A 27 -16.13 -16.15 -13.86
CA ARG A 27 -16.06 -17.56 -14.21
C ARG A 27 -14.64 -18.00 -14.56
N HIS A 28 -13.86 -17.11 -15.18
CA HIS A 28 -12.51 -17.44 -15.58
C HIS A 28 -11.42 -16.91 -14.65
N SER A 29 -11.75 -15.90 -13.86
CA SER A 29 -10.81 -15.32 -12.92
C SER A 29 -9.48 -14.97 -13.60
N PRO A 30 -9.51 -14.10 -14.62
CA PRO A 30 -8.34 -13.67 -15.37
C PRO A 30 -7.17 -13.11 -14.56
N LEU A 31 -5.98 -13.63 -14.84
CA LEU A 31 -4.77 -13.21 -14.19
C LEU A 31 -4.35 -11.89 -14.83
N VAL A 32 -4.45 -10.81 -14.07
CA VAL A 32 -4.09 -9.51 -14.63
C VAL A 32 -2.72 -9.07 -14.11
N HIS A 33 -1.79 -8.94 -15.06
CA HIS A 33 -0.43 -8.53 -14.76
C HIS A 33 -0.34 -7.02 -14.84
N SER A 34 -0.08 -6.38 -13.71
CA SER A 34 0.04 -4.92 -13.68
C SER A 34 1.42 -4.47 -13.29
N ILE A 35 1.91 -3.49 -14.05
CA ILE A 35 3.18 -2.84 -13.80
C ILE A 35 2.61 -1.43 -13.60
N THR A 36 2.42 -1.05 -12.33
CA THR A 36 1.79 0.23 -11.98
C THR A 36 2.56 1.03 -10.92
N ASN A 37 1.97 2.16 -10.49
CA ASN A 37 2.58 3.04 -9.49
C ASN A 37 2.39 2.50 -8.08
N ASN A 38 3.33 2.83 -7.19
CA ASN A 38 3.28 2.33 -5.82
C ASN A 38 2.30 3.05 -4.92
N VAL A 39 1.42 3.85 -5.52
CA VAL A 39 0.40 4.57 -4.75
C VAL A 39 -0.93 3.81 -4.81
N VAL A 40 -1.03 2.87 -5.75
CA VAL A 40 -2.27 2.13 -5.95
C VAL A 40 -2.14 0.62 -6.02
N THR A 41 -0.96 0.09 -5.74
CA THR A 41 -0.74 -1.35 -5.83
C THR A 41 -1.72 -2.19 -4.99
N ASN A 42 -1.84 -1.85 -3.71
CA ASN A 42 -2.71 -2.59 -2.79
C ASN A 42 -4.18 -2.43 -3.17
N PHE A 43 -4.60 -1.19 -3.41
CA PHE A 43 -5.98 -0.94 -3.78
C PHE A 43 -6.32 -1.74 -5.04
N THR A 44 -5.45 -1.67 -6.04
CA THR A 44 -5.67 -2.38 -7.29
C THR A 44 -5.80 -3.89 -7.15
N ALA A 45 -4.91 -4.49 -6.37
CA ALA A 45 -4.97 -5.93 -6.19
C ALA A 45 -6.23 -6.32 -5.43
N ASN A 46 -6.58 -5.51 -4.43
CA ASN A 46 -7.78 -5.78 -3.65
C ASN A 46 -9.03 -5.61 -4.51
N GLY A 47 -9.02 -4.63 -5.40
CA GLY A 47 -10.16 -4.39 -6.27
C GLY A 47 -10.37 -5.54 -7.24
N LEU A 48 -9.27 -6.04 -7.81
CA LEU A 48 -9.34 -7.15 -8.74
C LEU A 48 -9.78 -8.41 -8.02
N LEU A 49 -9.26 -8.64 -6.81
CA LEU A 49 -9.63 -9.84 -6.06
C LEU A 49 -11.13 -9.78 -5.78
N ALA A 50 -11.64 -8.59 -5.47
CA ALA A 50 -13.05 -8.41 -5.18
C ALA A 50 -13.88 -8.69 -6.43
N LEU A 51 -13.46 -8.11 -7.56
CA LEU A 51 -14.17 -8.31 -8.81
C LEU A 51 -14.29 -9.80 -9.13
N GLY A 52 -13.21 -10.53 -8.88
CA GLY A 52 -13.18 -11.96 -9.14
C GLY A 52 -12.03 -12.32 -10.06
N ALA A 53 -11.05 -11.43 -10.15
CA ALA A 53 -9.90 -11.65 -11.01
C ALA A 53 -8.66 -12.01 -10.21
N SER A 54 -7.58 -12.35 -10.88
CA SER A 54 -6.34 -12.70 -10.20
C SER A 54 -5.27 -11.68 -10.52
N PRO A 55 -4.90 -10.86 -9.54
CA PRO A 55 -3.88 -9.84 -9.79
C PRO A 55 -2.47 -10.35 -9.53
N VAL A 56 -1.52 -9.81 -10.28
CA VAL A 56 -0.13 -10.14 -10.08
C VAL A 56 0.64 -8.91 -10.52
N MET A 57 1.61 -8.52 -9.72
CA MET A 57 2.44 -7.35 -9.99
C MET A 57 3.88 -7.81 -10.08
N ALA A 58 4.52 -7.44 -11.18
CA ALA A 58 5.90 -7.80 -11.44
C ALA A 58 6.47 -6.67 -12.27
N TYR A 59 7.64 -6.17 -11.84
CA TYR A 59 8.27 -5.05 -12.54
C TYR A 59 9.70 -5.27 -13.01
N ALA A 60 10.40 -6.22 -12.41
CA ALA A 60 11.79 -6.49 -12.78
C ALA A 60 11.95 -6.95 -14.23
N LYS A 61 12.91 -6.36 -14.93
CA LYS A 61 13.17 -6.72 -16.32
C LYS A 61 13.53 -8.21 -16.49
N GLU A 62 13.92 -8.86 -15.41
CA GLU A 62 14.27 -10.27 -15.47
C GLU A 62 13.07 -11.20 -15.46
N GLU A 63 11.85 -10.65 -15.46
CA GLU A 63 10.68 -11.51 -15.39
C GLU A 63 9.40 -10.96 -16.00
N VAL A 64 9.36 -9.67 -16.34
CA VAL A 64 8.14 -9.12 -16.88
C VAL A 64 7.69 -9.75 -18.19
N ALA A 65 8.64 -10.19 -19.01
CA ALA A 65 8.30 -10.83 -20.28
C ALA A 65 7.75 -12.21 -19.99
N ASP A 66 8.33 -12.86 -18.98
CA ASP A 66 7.89 -14.20 -18.58
C ASP A 66 6.51 -14.17 -17.91
N MET A 67 6.26 -13.12 -17.14
CA MET A 67 4.97 -13.00 -16.44
C MET A 67 3.88 -12.52 -17.40
N ALA A 68 4.23 -11.67 -18.34
CA ALA A 68 3.22 -11.17 -19.28
C ALA A 68 2.66 -12.24 -20.21
N LYS A 69 3.49 -13.18 -20.66
CA LYS A 69 3.03 -14.22 -21.57
C LYS A 69 2.08 -15.26 -20.98
N ILE A 70 2.18 -15.49 -19.68
CA ILE A 70 1.31 -16.47 -19.04
C ILE A 70 0.12 -15.75 -18.42
N ALA A 71 -0.05 -14.48 -18.76
CA ALA A 71 -1.15 -13.71 -18.21
C ALA A 71 -2.33 -13.61 -19.15
N GLY A 72 -3.47 -13.24 -18.59
CA GLY A 72 -4.67 -13.08 -19.39
C GLY A 72 -4.74 -11.66 -19.89
N ALA A 73 -4.07 -10.75 -19.18
CA ALA A 73 -4.05 -9.35 -19.57
C ALA A 73 -2.89 -8.60 -18.94
N LEU A 74 -2.32 -7.65 -19.69
CA LEU A 74 -1.23 -6.83 -19.20
C LEU A 74 -1.69 -5.38 -19.16
N VAL A 75 -1.46 -4.73 -18.02
CA VAL A 75 -1.84 -3.34 -17.82
C VAL A 75 -0.61 -2.53 -17.44
N LEU A 76 -0.43 -1.38 -18.09
CA LEU A 76 0.71 -0.50 -17.82
C LEU A 76 0.22 0.84 -17.26
N ASN A 77 0.83 1.29 -16.17
CA ASN A 77 0.45 2.53 -15.48
C ASN A 77 1.72 3.32 -15.10
N ILE A 78 1.85 4.55 -15.57
CA ILE A 78 3.05 5.35 -15.29
C ILE A 78 3.01 6.30 -14.08
N GLY A 79 1.96 6.19 -13.28
CA GLY A 79 1.81 7.04 -12.10
C GLY A 79 3.06 7.49 -11.35
N THR A 80 3.97 6.57 -11.07
CA THR A 80 5.22 6.88 -10.37
C THR A 80 6.35 6.20 -11.13
N LEU A 81 6.38 6.46 -12.42
CA LEU A 81 7.33 5.87 -13.35
C LEU A 81 8.81 6.12 -13.06
N SER A 82 9.64 5.22 -13.57
CA SER A 82 11.08 5.30 -13.45
C SER A 82 11.62 4.90 -14.82
N LYS A 83 12.86 5.26 -15.11
CA LYS A 83 13.46 4.90 -16.38
C LYS A 83 13.47 3.37 -16.56
N GLU A 84 14.00 2.65 -15.57
CA GLU A 84 14.04 1.21 -15.67
C GLU A 84 12.65 0.59 -15.70
N SER A 85 11.68 1.20 -15.02
CA SER A 85 10.34 0.62 -15.04
C SER A 85 9.68 0.82 -16.40
N VAL A 86 9.89 1.98 -17.02
CA VAL A 86 9.32 2.21 -18.33
C VAL A 86 9.97 1.22 -19.29
N GLU A 87 11.26 0.95 -19.08
CA GLU A 87 11.99 0.00 -19.90
C GLU A 87 11.27 -1.36 -19.79
N ALA A 88 10.94 -1.75 -18.57
CA ALA A 88 10.26 -3.03 -18.32
C ALA A 88 8.85 -3.07 -18.93
N MET A 89 8.12 -1.96 -18.90
CA MET A 89 6.76 -1.98 -19.47
C MET A 89 6.78 -2.36 -20.95
N ILE A 90 7.68 -1.74 -21.70
CA ILE A 90 7.80 -2.03 -23.15
C ILE A 90 8.24 -3.47 -23.39
N ILE A 91 9.19 -3.94 -22.59
CA ILE A 91 9.65 -5.31 -22.71
C ILE A 91 8.44 -6.22 -22.49
N ALA A 92 7.71 -5.97 -21.40
CA ALA A 92 6.54 -6.76 -21.07
C ALA A 92 5.47 -6.64 -22.16
N GLY A 93 5.30 -5.43 -22.70
CA GLY A 93 4.30 -5.21 -23.73
C GLY A 93 4.59 -6.01 -24.99
N LYS A 94 5.86 -6.03 -25.38
CA LYS A 94 6.31 -6.74 -26.56
C LYS A 94 6.11 -8.25 -26.37
N SER A 95 6.47 -8.74 -25.19
CA SER A 95 6.30 -10.16 -24.89
C SER A 95 4.80 -10.49 -24.95
N ALA A 96 3.99 -9.57 -24.46
CA ALA A 96 2.55 -9.73 -24.43
C ALA A 96 1.95 -9.81 -25.84
N ASN A 97 2.29 -8.86 -26.70
CA ASN A 97 1.76 -8.86 -28.06
C ASN A 97 2.19 -10.13 -28.82
N GLU A 98 3.40 -10.58 -28.55
CA GLU A 98 3.95 -11.77 -29.18
C GLU A 98 3.16 -13.02 -28.76
N HIS A 99 2.37 -12.90 -27.70
CA HIS A 99 1.59 -14.04 -27.23
C HIS A 99 0.08 -13.79 -27.20
N GLY A 100 -0.35 -12.74 -27.89
CA GLY A 100 -1.77 -12.41 -27.93
C GLY A 100 -2.37 -11.92 -26.63
N VAL A 101 -1.53 -11.44 -25.70
CA VAL A 101 -2.04 -10.93 -24.42
C VAL A 101 -2.42 -9.46 -24.55
N PRO A 102 -3.71 -9.15 -24.36
CA PRO A 102 -4.19 -7.77 -24.46
C PRO A 102 -3.41 -6.84 -23.57
N VAL A 103 -3.03 -5.68 -24.10
CA VAL A 103 -2.29 -4.67 -23.34
C VAL A 103 -3.13 -3.39 -23.21
N ILE A 104 -3.22 -2.87 -21.99
CA ILE A 104 -3.98 -1.65 -21.73
C ILE A 104 -3.05 -0.65 -21.03
N LEU A 105 -3.10 0.60 -21.50
CA LEU A 105 -2.25 1.64 -20.95
C LEU A 105 -3.03 2.71 -20.20
N ASP A 106 -2.47 3.13 -19.07
CA ASP A 106 -3.06 4.18 -18.25
C ASP A 106 -1.98 5.26 -18.18
N PRO A 107 -2.11 6.32 -19.00
CA PRO A 107 -1.17 7.44 -19.07
C PRO A 107 -1.26 8.41 -17.91
N VAL A 108 -1.15 7.90 -16.68
CA VAL A 108 -1.25 8.75 -15.50
C VAL A 108 -0.25 9.90 -15.55
N GLY A 109 -0.75 11.12 -15.40
CA GLY A 109 0.11 12.28 -15.39
C GLY A 109 0.72 12.76 -16.69
N ALA A 110 0.37 12.14 -17.81
CA ALA A 110 0.91 12.56 -19.10
C ALA A 110 0.59 14.04 -19.27
N GLY A 111 1.61 14.85 -19.60
CA GLY A 111 1.39 16.27 -19.77
C GLY A 111 1.84 17.08 -18.56
N ALA A 112 1.90 16.43 -17.40
CA ALA A 112 2.33 17.10 -16.16
C ALA A 112 3.83 17.40 -16.20
N THR A 113 4.60 16.44 -16.69
CA THR A 113 6.05 16.57 -16.83
C THR A 113 6.44 15.99 -18.19
N PRO A 114 7.48 16.54 -18.82
CA PRO A 114 7.93 16.06 -20.13
C PRO A 114 8.20 14.55 -20.14
N PHE A 115 8.78 14.05 -19.06
CA PHE A 115 9.10 12.64 -18.91
C PHE A 115 7.88 11.72 -19.07
N ARG A 116 6.77 12.08 -18.43
CA ARG A 116 5.56 11.27 -18.52
C ARG A 116 4.95 11.31 -19.92
N THR A 117 4.99 12.48 -20.56
CA THR A 117 4.46 12.62 -21.91
C THR A 117 5.31 11.74 -22.84
N GLU A 118 6.63 11.90 -22.77
CA GLU A 118 7.56 11.13 -23.60
C GLU A 118 7.31 9.64 -23.40
N SER A 119 7.32 9.21 -22.14
CA SER A 119 7.11 7.81 -21.77
C SER A 119 5.79 7.24 -22.29
N ALA A 120 4.71 8.01 -22.18
CA ALA A 120 3.42 7.54 -22.66
C ALA A 120 3.53 7.23 -24.16
N ARG A 121 4.06 8.19 -24.91
CA ARG A 121 4.26 8.07 -26.34
C ARG A 121 5.16 6.88 -26.66
N ASP A 122 6.36 6.87 -26.08
CA ASP A 122 7.33 5.80 -26.24
C ASP A 122 6.66 4.42 -26.19
N ILE A 123 5.84 4.21 -25.17
CA ILE A 123 5.13 2.95 -24.98
C ILE A 123 4.12 2.71 -26.10
N ILE A 124 3.46 3.77 -26.52
CA ILE A 124 2.47 3.66 -27.58
C ILE A 124 3.11 3.31 -28.92
N ARG A 125 4.37 3.71 -29.12
CA ARG A 125 5.06 3.42 -30.37
C ARG A 125 5.68 2.02 -30.36
N GLU A 126 6.04 1.52 -29.18
CA GLU A 126 6.66 0.20 -29.06
C GLU A 126 5.71 -0.93 -28.69
N VAL A 127 4.48 -0.60 -28.30
CA VAL A 127 3.55 -1.64 -27.90
C VAL A 127 2.17 -1.55 -28.52
N ARG A 128 1.74 -2.65 -29.12
CA ARG A 128 0.42 -2.74 -29.72
C ARG A 128 -0.51 -2.76 -28.51
N LEU A 129 -1.29 -1.69 -28.37
CA LEU A 129 -2.21 -1.55 -27.25
C LEU A 129 -3.62 -1.93 -27.63
N ALA A 130 -4.34 -2.54 -26.70
CA ALA A 130 -5.72 -2.93 -26.92
C ALA A 130 -6.64 -1.76 -26.55
N ALA A 131 -6.18 -0.93 -25.62
CA ALA A 131 -6.96 0.22 -25.17
C ALA A 131 -6.13 1.13 -24.27
N ILE A 132 -6.54 2.40 -24.21
CA ILE A 132 -5.88 3.39 -23.39
C ILE A 132 -6.94 4.05 -22.53
N ARG A 133 -6.71 4.11 -21.23
CA ARG A 133 -7.70 4.69 -20.31
C ARG A 133 -7.09 5.80 -19.46
N GLY A 134 -7.67 6.99 -19.54
CA GLY A 134 -7.18 8.11 -18.75
C GLY A 134 -8.20 9.23 -18.77
N ASN A 135 -7.84 10.40 -18.22
CA ASN A 135 -8.78 11.50 -18.27
C ASN A 135 -8.54 12.26 -19.57
N ALA A 136 -9.39 13.23 -19.86
CA ALA A 136 -9.29 14.00 -21.09
C ALA A 136 -7.92 14.65 -21.29
N ALA A 137 -7.48 15.39 -20.28
CA ALA A 137 -6.20 16.08 -20.36
C ALA A 137 -5.04 15.16 -20.70
N GLU A 138 -5.04 13.97 -20.13
CA GLU A 138 -3.97 13.01 -20.36
C GLU A 138 -4.01 12.45 -21.79
N ILE A 139 -5.20 12.15 -22.29
CA ILE A 139 -5.31 11.63 -23.66
C ILE A 139 -4.83 12.73 -24.63
N ALA A 140 -5.32 13.94 -24.43
CA ALA A 140 -4.96 15.08 -25.28
C ALA A 140 -3.45 15.35 -25.28
N HIS A 141 -2.86 15.47 -24.10
CA HIS A 141 -1.42 15.73 -24.00
C HIS A 141 -0.62 14.61 -24.65
N THR A 142 -1.10 13.39 -24.54
CA THR A 142 -0.42 12.24 -25.10
C THR A 142 -0.47 12.26 -26.62
N VAL A 143 -1.66 12.54 -27.14
CA VAL A 143 -1.89 12.57 -28.57
C VAL A 143 -1.55 13.90 -29.26
N GLY A 144 -1.53 14.98 -28.49
CA GLY A 144 -1.25 16.29 -29.05
C GLY A 144 0.17 16.61 -29.49
N VAL A 145 0.70 15.84 -30.43
CA VAL A 145 2.05 16.08 -30.93
C VAL A 145 2.17 17.49 -31.56
N THR A 146 1.03 18.06 -31.96
CA THR A 146 0.98 19.41 -32.53
C THR A 146 -0.43 19.99 -32.34
N ASP A 147 -1.01 20.55 -33.41
CA ASP A 147 -2.34 21.16 -33.33
C ASP A 147 -3.16 21.08 -34.62
N ILE A 162 -14.86 14.02 -24.07
CA ILE A 162 -14.40 14.53 -25.40
C ILE A 162 -14.69 13.59 -26.55
N ILE A 163 -15.91 13.66 -27.06
CA ILE A 163 -16.36 12.82 -28.16
C ILE A 163 -15.40 12.79 -29.35
N ARG A 164 -15.16 13.96 -29.94
CA ARG A 164 -14.27 14.08 -31.09
C ARG A 164 -12.83 13.73 -30.74
N LEU A 165 -12.43 14.01 -29.50
CA LEU A 165 -11.07 13.71 -29.07
C LEU A 165 -10.85 12.19 -29.08
N ALA A 166 -11.83 11.45 -28.59
CA ALA A 166 -11.75 10.00 -28.55
C ALA A 166 -11.55 9.39 -29.93
N GLN A 167 -12.47 9.70 -30.84
CA GLN A 167 -12.40 9.17 -32.20
C GLN A 167 -11.06 9.47 -32.86
N GLN A 168 -10.70 10.75 -32.95
CA GLN A 168 -9.44 11.11 -33.58
C GLN A 168 -8.31 10.29 -32.97
N ALA A 169 -8.27 10.26 -31.63
CA ALA A 169 -7.24 9.52 -30.91
C ALA A 169 -7.28 8.02 -31.20
N ALA A 170 -8.50 7.49 -31.30
CA ALA A 170 -8.68 6.07 -31.58
C ALA A 170 -8.35 5.72 -33.02
N GLN A 171 -8.58 6.65 -33.93
CA GLN A 171 -8.28 6.46 -35.35
C GLN A 171 -6.77 6.56 -35.56
N LYS A 172 -6.17 7.59 -34.97
CA LYS A 172 -4.74 7.84 -35.07
C LYS A 172 -3.91 6.72 -34.44
N LEU A 173 -4.14 6.45 -33.16
CA LEU A 173 -3.41 5.42 -32.44
C LEU A 173 -3.91 4.02 -32.78
N ASN A 174 -5.11 3.95 -33.37
CA ASN A 174 -5.69 2.68 -33.77
C ASN A 174 -5.91 1.71 -32.61
N THR A 175 -6.84 2.06 -31.73
CA THR A 175 -7.15 1.23 -30.57
C THR A 175 -8.40 1.76 -29.90
N VAL A 176 -8.66 1.29 -28.69
CA VAL A 176 -9.82 1.76 -27.95
C VAL A 176 -9.37 2.90 -27.05
N ILE A 177 -10.02 4.04 -27.17
CA ILE A 177 -9.68 5.18 -26.35
C ILE A 177 -10.81 5.36 -25.34
N ALA A 178 -10.49 5.23 -24.06
CA ALA A 178 -11.50 5.39 -23.01
C ALA A 178 -11.20 6.62 -22.13
N ILE A 179 -12.00 7.67 -22.28
CA ILE A 179 -11.81 8.89 -21.50
C ILE A 179 -12.91 8.94 -20.44
N THR A 180 -12.52 8.70 -19.20
CA THR A 180 -13.49 8.69 -18.11
C THR A 180 -13.64 10.04 -17.43
N GLY A 181 -14.77 10.22 -16.75
CA GLY A 181 -15.08 11.45 -16.05
C GLY A 181 -16.53 11.41 -15.60
N GLU A 182 -17.18 12.57 -15.43
CA GLU A 182 -18.58 12.58 -15.02
C GLU A 182 -19.39 11.71 -15.98
N VAL A 183 -19.01 11.79 -17.25
CA VAL A 183 -19.62 10.98 -18.30
C VAL A 183 -18.46 10.30 -19.00
N ASP A 184 -18.57 9.00 -19.25
CA ASP A 184 -17.51 8.29 -19.92
C ASP A 184 -17.67 8.29 -21.42
N VAL A 185 -16.57 8.52 -22.12
CA VAL A 185 -16.57 8.55 -23.57
C VAL A 185 -15.63 7.49 -24.10
N ILE A 186 -16.20 6.41 -24.62
CA ILE A 186 -15.39 5.32 -25.18
C ILE A 186 -15.64 5.25 -26.67
N ALA A 187 -14.58 5.34 -27.45
CA ALA A 187 -14.71 5.28 -28.91
C ALA A 187 -13.64 4.37 -29.48
N ASP A 188 -13.94 3.73 -30.59
CA ASP A 188 -12.94 2.86 -31.20
C ASP A 188 -12.72 3.33 -32.63
N THR A 189 -12.22 2.44 -33.48
CA THR A 189 -11.96 2.79 -34.86
C THR A 189 -13.17 3.43 -35.54
N SER A 190 -14.34 2.82 -35.37
CA SER A 190 -15.57 3.30 -36.00
C SER A 190 -16.78 3.59 -35.11
N HIS A 191 -16.66 3.40 -33.80
CA HIS A 191 -17.80 3.64 -32.91
C HIS A 191 -17.50 4.54 -31.72
N VAL A 192 -18.56 5.09 -31.15
CA VAL A 192 -18.45 5.96 -29.99
C VAL A 192 -19.58 5.67 -29.00
N TYR A 193 -19.22 5.58 -27.72
CA TYR A 193 -20.19 5.30 -26.67
C TYR A 193 -19.97 6.25 -25.51
N THR A 194 -21.04 6.50 -24.74
CA THR A 194 -20.94 7.34 -23.56
C THR A 194 -21.60 6.58 -22.40
N LEU A 195 -20.94 6.59 -21.24
CA LEU A 195 -21.47 5.90 -20.07
C LEU A 195 -21.91 6.90 -19.02
N HIS A 196 -22.97 6.54 -18.30
CA HIS A 196 -23.55 7.43 -17.28
C HIS A 196 -23.76 6.76 -15.92
N ASN A 197 -22.69 6.24 -15.35
CA ASN A 197 -22.76 5.60 -14.05
C ASN A 197 -21.62 6.10 -13.18
N GLY A 198 -21.47 5.52 -11.99
CA GLY A 198 -20.40 5.96 -11.11
C GLY A 198 -20.90 7.04 -10.16
N HIS A 199 -19.97 7.60 -9.38
CA HIS A 199 -20.31 8.65 -8.40
C HIS A 199 -19.10 9.58 -8.25
N LYS A 200 -19.38 10.84 -7.89
CA LYS A 200 -18.31 11.82 -7.73
C LYS A 200 -17.30 11.46 -6.64
N LEU A 201 -17.69 10.54 -5.77
CA LEU A 201 -16.81 10.09 -4.69
C LEU A 201 -15.58 9.39 -5.26
N LEU A 202 -15.71 8.82 -6.46
CA LEU A 202 -14.59 8.14 -7.09
C LEU A 202 -13.41 9.08 -7.25
N THR A 203 -13.67 10.39 -7.30
CA THR A 203 -12.60 11.37 -7.46
C THR A 203 -11.89 11.68 -6.16
N LYS A 204 -12.35 11.08 -5.06
CA LYS A 204 -11.73 11.33 -3.76
C LYS A 204 -10.97 10.11 -3.27
N VAL A 205 -10.88 9.09 -4.13
CA VAL A 205 -10.17 7.88 -3.77
C VAL A 205 -9.04 7.66 -4.78
N THR A 206 -7.82 7.61 -4.26
CA THR A 206 -6.66 7.41 -5.10
C THR A 206 -6.72 5.99 -5.62
N GLY A 207 -6.41 5.81 -6.90
CA GLY A 207 -6.45 4.49 -7.48
C GLY A 207 -7.76 4.21 -8.18
N ALA A 208 -8.73 5.12 -8.02
CA ALA A 208 -10.01 4.94 -8.69
C ALA A 208 -9.77 4.65 -10.16
N GLY A 209 -8.89 5.43 -10.78
CA GLY A 209 -8.57 5.22 -12.19
C GLY A 209 -7.64 4.04 -12.46
N SER A 210 -6.55 3.94 -11.69
CA SER A 210 -5.62 2.84 -11.86
C SER A 210 -6.36 1.51 -11.74
N LEU A 211 -7.22 1.41 -10.74
CA LEU A 211 -7.98 0.18 -10.53
C LEU A 211 -8.89 -0.03 -11.73
N LEU A 212 -9.61 1.02 -12.14
CA LEU A 212 -10.49 0.89 -13.28
C LEU A 212 -9.73 0.40 -14.50
N THR A 213 -8.59 1.03 -14.79
CA THR A 213 -7.81 0.61 -15.95
C THR A 213 -7.49 -0.88 -15.85
N SER A 214 -7.12 -1.35 -14.65
CA SER A 214 -6.82 -2.76 -14.45
C SER A 214 -8.09 -3.60 -14.61
N VAL A 215 -9.23 -3.05 -14.23
CA VAL A 215 -10.48 -3.78 -14.39
C VAL A 215 -10.72 -4.01 -15.88
N VAL A 216 -10.44 -2.97 -16.68
CA VAL A 216 -10.56 -3.02 -18.14
C VAL A 216 -9.72 -4.17 -18.70
N GLY A 217 -8.52 -4.34 -18.15
CA GLY A 217 -7.66 -5.42 -18.60
C GLY A 217 -8.29 -6.77 -18.33
N ALA A 218 -8.88 -6.92 -17.14
CA ALA A 218 -9.52 -8.17 -16.75
C ALA A 218 -10.64 -8.52 -17.72
N PHE A 219 -11.37 -7.50 -18.18
CA PHE A 219 -12.47 -7.73 -19.12
C PHE A 219 -11.98 -8.02 -20.54
N CYS A 220 -10.89 -7.38 -20.95
CA CYS A 220 -10.35 -7.60 -22.28
C CYS A 220 -9.79 -9.02 -22.36
N ALA A 221 -9.45 -9.57 -21.19
CA ALA A 221 -8.90 -10.93 -21.15
C ALA A 221 -9.96 -11.99 -21.48
N VAL A 222 -11.23 -11.70 -21.19
CA VAL A 222 -12.29 -12.66 -21.47
C VAL A 222 -13.23 -12.25 -22.63
N GLU A 223 -13.12 -11.01 -23.07
CA GLU A 223 -13.95 -10.52 -24.16
C GLU A 223 -13.11 -10.15 -25.39
N GLU A 224 -13.29 -10.91 -26.47
CA GLU A 224 -12.55 -10.72 -27.72
C GLU A 224 -12.60 -9.29 -28.29
N ASN A 225 -13.69 -8.57 -28.07
CA ASN A 225 -13.78 -7.21 -28.57
C ASN A 225 -13.37 -6.18 -27.53
N PRO A 226 -12.25 -5.47 -27.79
CA PRO A 226 -11.71 -4.44 -26.90
C PRO A 226 -12.73 -3.39 -26.50
N LEU A 227 -13.36 -2.76 -27.49
CA LEU A 227 -14.36 -1.73 -27.20
C LEU A 227 -15.42 -2.29 -26.27
N PHE A 228 -15.92 -3.47 -26.58
CA PHE A 228 -16.94 -4.08 -25.74
C PHE A 228 -16.41 -4.35 -24.35
N ALA A 229 -15.15 -4.79 -24.26
CA ALA A 229 -14.54 -5.07 -22.95
C ALA A 229 -14.49 -3.79 -22.11
N ALA A 230 -14.02 -2.69 -22.70
CA ALA A 230 -13.92 -1.44 -21.99
C ALA A 230 -15.29 -0.99 -21.48
N ILE A 231 -16.26 -0.93 -22.38
CA ILE A 231 -17.60 -0.51 -21.99
C ILE A 231 -18.17 -1.32 -20.84
N ALA A 232 -18.02 -2.64 -20.92
CA ALA A 232 -18.54 -3.54 -19.89
C ALA A 232 -17.78 -3.32 -18.59
N ALA A 233 -16.46 -3.27 -18.66
CA ALA A 233 -15.64 -3.07 -17.47
C ALA A 233 -15.96 -1.76 -16.78
N ILE A 234 -16.10 -0.69 -17.55
CA ILE A 234 -16.38 0.62 -16.99
C ILE A 234 -17.80 0.71 -16.45
N SER A 235 -18.73 0.06 -17.13
CA SER A 235 -20.13 0.08 -16.69
C SER A 235 -20.27 -0.68 -15.37
N SER A 236 -19.69 -1.87 -15.32
CA SER A 236 -19.74 -2.70 -14.12
C SER A 236 -19.14 -1.91 -12.95
N TYR A 237 -17.99 -1.30 -13.20
CA TYR A 237 -17.30 -0.50 -12.19
C TYR A 237 -18.21 0.62 -11.69
N GLY A 238 -18.81 1.35 -12.62
CA GLY A 238 -19.67 2.45 -12.28
C GLY A 238 -20.89 2.10 -11.43
N VAL A 239 -21.61 1.07 -11.84
CA VAL A 239 -22.79 0.68 -11.09
C VAL A 239 -22.36 0.24 -9.70
N ALA A 240 -21.21 -0.43 -9.61
CA ALA A 240 -20.70 -0.88 -8.31
C ALA A 240 -20.43 0.35 -7.43
N ALA A 241 -19.87 1.40 -8.04
CA ALA A 241 -19.58 2.63 -7.32
C ALA A 241 -20.84 3.34 -6.82
N GLN A 242 -21.90 3.34 -7.64
CA GLN A 242 -23.15 3.99 -7.23
C GLN A 242 -23.70 3.25 -6.02
N LEU A 243 -23.80 1.93 -6.14
CA LEU A 243 -24.31 1.12 -5.05
C LEU A 243 -23.50 1.33 -3.76
N ALA A 244 -22.18 1.48 -3.89
CA ALA A 244 -21.34 1.71 -2.71
C ALA A 244 -21.65 3.11 -2.20
N ALA A 245 -21.83 4.03 -3.14
CA ALA A 245 -22.14 5.41 -2.82
C ALA A 245 -23.35 5.53 -1.92
N GLN A 246 -24.48 4.99 -2.35
CA GLN A 246 -25.70 5.05 -1.53
C GLN A 246 -25.51 4.36 -0.18
N GLN A 247 -24.83 3.22 -0.17
CA GLN A 247 -24.57 2.49 1.05
C GLN A 247 -23.69 3.33 1.98
N THR A 248 -22.68 3.95 1.42
CA THR A 248 -21.75 4.78 2.18
C THR A 248 -22.50 5.95 2.79
N ALA A 249 -23.69 6.21 2.28
CA ALA A 249 -24.47 7.33 2.78
C ALA A 249 -23.57 8.57 2.69
N ASP A 250 -23.40 9.24 3.83
CA ASP A 250 -22.60 10.45 3.90
C ASP A 250 -21.52 10.27 4.96
N LYS A 251 -20.91 9.10 5.02
CA LYS A 251 -19.87 8.86 6.02
C LYS A 251 -18.52 9.47 5.64
N GLY A 252 -18.16 9.38 4.36
CA GLY A 252 -16.90 9.94 3.90
C GLY A 252 -16.07 9.04 2.98
N PRO A 253 -14.96 9.59 2.44
CA PRO A 253 -14.01 8.94 1.52
C PRO A 253 -13.48 7.58 2.01
N GLY A 254 -13.14 7.48 3.27
CA GLY A 254 -12.65 6.23 3.79
C GLY A 254 -13.65 5.10 3.63
N SER A 255 -14.86 5.30 4.16
CA SER A 255 -15.90 4.28 4.06
C SER A 255 -16.23 3.96 2.62
N PHE A 256 -16.36 4.99 1.78
CA PHE A 256 -16.68 4.76 0.38
C PHE A 256 -15.68 3.84 -0.30
N GLN A 257 -14.40 4.08 -0.02
CA GLN A 257 -13.32 3.30 -0.59
C GLN A 257 -13.57 1.84 -0.24
N ILE A 258 -13.81 1.61 1.05
CA ILE A 258 -14.07 0.26 1.55
C ILE A 258 -15.32 -0.32 0.91
N GLU A 259 -16.38 0.48 0.80
CA GLU A 259 -17.62 0.00 0.18
C GLU A 259 -17.45 -0.35 -1.29
N LEU A 260 -16.55 0.35 -1.98
CA LEU A 260 -16.32 0.05 -3.40
C LEU A 260 -15.74 -1.37 -3.52
N LEU A 261 -14.74 -1.67 -2.69
CA LEU A 261 -14.14 -3.00 -2.70
C LEU A 261 -15.22 -4.05 -2.44
N ASN A 262 -16.19 -3.72 -1.59
CA ASN A 262 -17.28 -4.64 -1.28
C ASN A 262 -18.21 -4.83 -2.48
N LYS A 263 -18.60 -3.72 -3.11
CA LYS A 263 -19.49 -3.78 -4.25
C LYS A 263 -18.92 -4.55 -5.44
N LEU A 264 -17.65 -4.31 -5.74
CA LEU A 264 -17.01 -5.00 -6.85
C LEU A 264 -17.18 -6.51 -6.68
N SER A 265 -17.46 -6.94 -5.44
CA SER A 265 -17.67 -8.33 -5.11
C SER A 265 -19.16 -8.70 -5.08
N THR A 266 -19.98 -7.82 -4.49
CA THR A 266 -21.41 -8.11 -4.38
C THR A 266 -22.27 -7.71 -5.57
N VAL A 267 -21.74 -6.91 -6.49
CA VAL A 267 -22.53 -6.51 -7.64
C VAL A 267 -22.90 -7.77 -8.43
N THR A 268 -24.15 -7.86 -8.86
CA THR A 268 -24.62 -9.04 -9.60
C THR A 268 -24.85 -8.74 -11.06
N GLU A 269 -24.98 -9.79 -11.86
CA GLU A 269 -25.23 -9.66 -13.29
C GLU A 269 -26.51 -8.84 -13.45
N GLN A 270 -27.44 -8.99 -12.51
CA GLN A 270 -28.69 -8.26 -12.56
C GLN A 270 -28.51 -6.77 -12.26
N ASP A 271 -27.80 -6.44 -11.17
CA ASP A 271 -27.57 -5.04 -10.81
C ASP A 271 -27.07 -4.26 -12.03
N VAL A 272 -26.22 -4.92 -12.83
CA VAL A 272 -25.70 -4.27 -14.03
C VAL A 272 -26.82 -4.05 -15.04
N GLN A 273 -27.56 -5.11 -15.32
CA GLN A 273 -28.68 -5.08 -16.27
C GLN A 273 -29.70 -3.97 -16.06
N GLU A 274 -30.05 -3.70 -14.80
CA GLU A 274 -31.04 -2.67 -14.50
C GLU A 274 -30.50 -1.29 -14.15
N TRP A 275 -29.17 -1.15 -14.07
CA TRP A 275 -28.59 0.14 -13.73
C TRP A 275 -27.68 0.73 -14.80
N ALA A 276 -26.95 -0.14 -15.49
CA ALA A 276 -26.02 0.29 -16.52
C ALA A 276 -26.64 1.18 -17.59
N THR A 277 -26.06 2.35 -17.78
CA THR A 277 -26.55 3.29 -18.77
C THR A 277 -25.54 3.40 -19.89
N ILE A 278 -25.82 2.71 -21.00
CA ILE A 278 -24.92 2.69 -22.14
C ILE A 278 -25.57 3.31 -23.37
N GLU A 279 -25.01 4.42 -23.82
CA GLU A 279 -25.52 5.13 -24.99
C GLU A 279 -24.56 5.12 -26.18
N ARG A 280 -25.02 4.51 -27.27
CA ARG A 280 -24.26 4.41 -28.51
C ARG A 280 -24.40 5.77 -29.21
N VAL A 281 -23.29 6.49 -29.28
CA VAL A 281 -23.28 7.82 -29.91
C VAL A 281 -23.42 7.74 -31.42
N THR A 282 -24.40 8.48 -31.94
CA THR A 282 -24.63 8.52 -33.38
C THR A 282 -23.93 9.72 -33.97
N VAL A 283 -22.95 9.47 -34.83
CA VAL A 283 -22.19 10.53 -35.48
C VAL A 283 -21.98 10.19 -36.95
N SER A 284 -20.84 10.60 -37.50
CA SER A 284 -20.52 10.35 -38.91
C SER A 284 -19.41 9.31 -39.08
N SER B 12 -0.77 34.84 19.54
CA SER B 12 -0.66 35.23 18.09
C SER B 12 -1.43 34.30 17.17
N MET B 13 -1.42 33.00 17.51
CA MET B 13 -2.12 31.98 16.74
C MET B 13 -3.06 31.23 17.67
N ASP B 14 -4.31 31.04 17.25
CA ASP B 14 -5.27 30.32 18.08
C ASP B 14 -6.21 29.44 17.26
N ALA B 15 -7.16 28.82 17.95
CA ALA B 15 -8.11 27.93 17.29
C ALA B 15 -8.86 28.55 16.12
N GLN B 16 -9.42 29.75 16.30
CA GLN B 16 -10.17 30.41 15.24
C GLN B 16 -9.33 30.59 13.97
N SER B 17 -8.06 30.98 14.13
CA SER B 17 -7.18 31.17 12.98
C SER B 17 -6.85 29.82 12.35
N ALA B 18 -6.58 28.84 13.21
CA ALA B 18 -6.26 27.49 12.76
C ALA B 18 -7.35 27.04 11.79
N ALA B 19 -8.59 27.07 12.27
CA ALA B 19 -9.72 26.67 11.45
C ALA B 19 -9.80 27.48 10.16
N LYS B 20 -9.38 28.75 10.20
CA LYS B 20 -9.41 29.59 9.01
C LYS B 20 -8.51 29.00 7.92
N CYS B 21 -7.38 28.44 8.33
CA CYS B 21 -6.43 27.83 7.40
C CYS B 21 -6.99 26.58 6.75
N LEU B 22 -7.70 25.77 7.52
CA LEU B 22 -8.31 24.55 7.00
C LEU B 22 -9.16 24.93 5.79
N THR B 23 -9.94 26.01 5.93
CA THR B 23 -10.79 26.50 4.86
C THR B 23 -9.92 26.87 3.66
N ALA B 24 -8.82 27.59 3.91
CA ALA B 24 -7.93 27.99 2.84
C ALA B 24 -7.42 26.80 2.03
N VAL B 25 -7.01 25.74 2.72
CA VAL B 25 -6.53 24.53 2.03
C VAL B 25 -7.60 24.02 1.07
N ARG B 26 -8.78 23.72 1.60
CA ARG B 26 -9.90 23.21 0.81
C ARG B 26 -10.27 24.15 -0.35
N ARG B 27 -10.18 25.45 -0.12
CA ARG B 27 -10.52 26.42 -1.15
C ARG B 27 -9.55 26.32 -2.33
N HIS B 28 -8.26 26.32 -2.01
CA HIS B 28 -7.23 26.26 -3.04
C HIS B 28 -6.82 24.86 -3.51
N SER B 29 -7.08 23.86 -2.69
CA SER B 29 -6.71 22.48 -3.02
C SER B 29 -5.30 22.42 -3.62
N PRO B 30 -4.28 22.82 -2.83
CA PRO B 30 -2.89 22.83 -3.25
C PRO B 30 -2.30 21.49 -3.67
N LEU B 31 -1.43 21.51 -4.67
CA LEU B 31 -0.77 20.31 -5.17
C LEU B 31 0.41 19.98 -4.24
N VAL B 32 0.26 18.94 -3.44
CA VAL B 32 1.32 18.56 -2.53
C VAL B 32 2.14 17.44 -3.15
N HIS B 33 3.39 17.75 -3.49
CA HIS B 33 4.30 16.78 -4.08
C HIS B 33 5.02 16.03 -2.97
N SER B 34 4.82 14.72 -2.93
CA SER B 34 5.46 13.90 -1.91
C SER B 34 6.40 12.85 -2.49
N ILE B 35 7.63 12.82 -1.97
CA ILE B 35 8.62 11.82 -2.36
C ILE B 35 8.70 11.12 -1.00
N THR B 36 7.93 10.04 -0.87
CA THR B 36 7.86 9.34 0.41
C THR B 36 8.06 7.81 0.35
N ASN B 37 7.93 7.16 1.50
CA ASN B 37 8.12 5.71 1.62
C ASN B 37 6.95 4.90 1.07
N ASN B 38 7.24 3.71 0.53
CA ASN B 38 6.19 2.90 -0.06
C ASN B 38 5.29 2.16 0.92
N VAL B 39 5.36 2.53 2.19
CA VAL B 39 4.51 1.92 3.20
C VAL B 39 3.29 2.82 3.43
N VAL B 40 3.43 4.10 3.06
CA VAL B 40 2.37 5.07 3.30
C VAL B 40 1.84 5.81 2.08
N THR B 41 2.30 5.43 0.90
CA THR B 41 1.89 6.11 -0.32
C THR B 41 0.36 6.16 -0.55
N ASN B 42 -0.30 5.01 -0.47
CA ASN B 42 -1.75 4.96 -0.68
C ASN B 42 -2.51 5.69 0.46
N PHE B 43 -2.01 5.55 1.68
CA PHE B 43 -2.66 6.21 2.80
C PHE B 43 -2.52 7.73 2.69
N THR B 44 -1.34 8.17 2.28
CA THR B 44 -1.04 9.59 2.14
C THR B 44 -1.89 10.27 1.06
N ALA B 45 -1.98 9.65 -0.11
CA ALA B 45 -2.76 10.23 -1.20
C ALA B 45 -4.24 10.31 -0.82
N ASN B 46 -4.76 9.26 -0.18
CA ASN B 46 -6.16 9.21 0.24
C ASN B 46 -6.43 10.23 1.34
N GLY B 47 -5.49 10.34 2.28
CA GLY B 47 -5.64 11.29 3.36
C GLY B 47 -5.70 12.71 2.80
N LEU B 48 -4.78 13.04 1.90
CA LEU B 48 -4.76 14.38 1.30
C LEU B 48 -6.04 14.66 0.52
N LEU B 49 -6.50 13.66 -0.24
CA LEU B 49 -7.70 13.83 -1.06
C LEU B 49 -8.94 14.12 -0.21
N ALA B 50 -9.05 13.42 0.92
CA ALA B 50 -10.17 13.61 1.83
C ALA B 50 -10.13 15.00 2.45
N LEU B 51 -8.91 15.46 2.76
CA LEU B 51 -8.71 16.77 3.34
C LEU B 51 -9.15 17.86 2.36
N GLY B 52 -8.87 17.64 1.08
CA GLY B 52 -9.23 18.60 0.06
C GLY B 52 -8.03 19.12 -0.71
N ALA B 53 -6.91 18.41 -0.61
CA ALA B 53 -5.70 18.81 -1.34
C ALA B 53 -5.54 17.83 -2.50
N SER B 54 -4.62 18.14 -3.41
CA SER B 54 -4.36 17.29 -4.56
C SER B 54 -2.97 16.69 -4.43
N PRO B 55 -2.89 15.39 -4.12
CA PRO B 55 -1.59 14.74 -3.97
C PRO B 55 -0.99 14.28 -5.29
N VAL B 56 0.34 14.18 -5.32
CA VAL B 56 1.06 13.68 -6.47
C VAL B 56 2.38 13.10 -5.99
N MET B 57 2.73 11.93 -6.49
CA MET B 57 3.98 11.29 -6.12
C MET B 57 4.84 11.12 -7.36
N ALA B 58 6.09 11.55 -7.25
CA ALA B 58 7.07 11.48 -8.33
C ALA B 58 8.43 11.31 -7.67
N TYR B 59 9.14 10.27 -8.08
CA TYR B 59 10.46 9.96 -7.51
C TYR B 59 11.64 10.03 -8.49
N ALA B 60 11.38 9.71 -9.75
CA ALA B 60 12.42 9.71 -10.78
C ALA B 60 13.15 11.03 -10.94
N LYS B 61 14.48 10.96 -11.04
CA LYS B 61 15.30 12.15 -11.20
C LYS B 61 15.00 12.81 -12.54
N GLU B 62 14.41 12.07 -13.48
CA GLU B 62 14.07 12.61 -14.78
C GLU B 62 12.79 13.45 -14.75
N GLU B 63 12.25 13.71 -13.57
CA GLU B 63 11.03 14.51 -13.46
C GLU B 63 10.82 15.20 -12.11
N VAL B 64 11.58 14.84 -11.07
CA VAL B 64 11.33 15.47 -9.76
C VAL B 64 11.43 16.99 -9.75
N ALA B 65 12.45 17.54 -10.41
CA ALA B 65 12.61 18.97 -10.46
C ALA B 65 11.41 19.62 -11.14
N ASP B 66 10.93 18.98 -12.21
CA ASP B 66 9.79 19.51 -12.95
C ASP B 66 8.49 19.44 -12.16
N MET B 67 8.28 18.33 -11.46
CA MET B 67 7.06 18.16 -10.69
C MET B 67 7.05 19.11 -9.48
N ALA B 68 8.17 19.23 -8.79
CA ALA B 68 8.23 20.11 -7.64
C ALA B 68 7.99 21.60 -7.96
N LYS B 69 8.62 22.11 -9.02
CA LYS B 69 8.45 23.51 -9.34
C LYS B 69 7.02 23.92 -9.61
N ILE B 70 6.18 22.97 -9.99
CA ILE B 70 4.78 23.28 -10.27
C ILE B 70 3.87 22.90 -9.11
N ALA B 71 4.46 22.51 -7.98
CA ALA B 71 3.69 22.11 -6.81
C ALA B 71 3.42 23.28 -5.88
N GLY B 72 2.57 23.03 -4.89
CA GLY B 72 2.23 24.04 -3.91
C GLY B 72 3.15 23.88 -2.71
N ALA B 73 3.62 22.64 -2.52
CA ALA B 73 4.51 22.28 -1.43
C ALA B 73 5.16 20.92 -1.71
N LEU B 74 6.41 20.78 -1.27
CA LEU B 74 7.15 19.54 -1.47
C LEU B 74 7.46 18.91 -0.12
N VAL B 75 7.23 17.61 0.00
CA VAL B 75 7.52 16.94 1.26
C VAL B 75 8.44 15.76 1.01
N LEU B 76 9.47 15.65 1.84
CA LEU B 76 10.46 14.59 1.71
C LEU B 76 10.34 13.66 2.92
N ASN B 77 10.03 12.39 2.65
CA ASN B 77 9.89 11.37 3.69
C ASN B 77 10.82 10.19 3.39
N ILE B 78 11.80 9.97 4.26
CA ILE B 78 12.80 8.92 4.12
C ILE B 78 12.44 7.56 4.74
N GLY B 79 11.15 7.30 4.97
CA GLY B 79 10.72 6.04 5.57
C GLY B 79 11.37 4.79 5.01
N THR B 80 11.42 4.68 3.68
CA THR B 80 12.03 3.53 3.01
C THR B 80 13.01 4.04 1.97
N LEU B 81 13.95 4.86 2.45
CA LEU B 81 14.96 5.51 1.60
C LEU B 81 15.97 4.61 0.91
N SER B 82 16.49 5.10 -0.22
CA SER B 82 17.53 4.42 -1.00
C SER B 82 18.47 5.54 -1.44
N LYS B 83 19.67 5.20 -1.90
CA LYS B 83 20.62 6.22 -2.36
C LYS B 83 20.00 7.06 -3.48
N GLU B 84 19.33 6.39 -4.42
CA GLU B 84 18.69 7.07 -5.55
C GLU B 84 17.58 8.04 -5.13
N SER B 85 16.71 7.61 -4.20
CA SER B 85 15.60 8.46 -3.78
C SER B 85 16.07 9.64 -2.97
N VAL B 86 17.14 9.46 -2.20
CA VAL B 86 17.67 10.56 -1.39
C VAL B 86 18.24 11.63 -2.33
N GLU B 87 19.02 11.20 -3.31
CA GLU B 87 19.58 12.15 -4.28
C GLU B 87 18.42 12.86 -4.96
N ALA B 88 17.37 12.11 -5.29
CA ALA B 88 16.21 12.69 -5.96
C ALA B 88 15.50 13.73 -5.07
N MET B 89 15.44 13.46 -3.76
CA MET B 89 14.81 14.38 -2.82
C MET B 89 15.54 15.72 -2.80
N ILE B 90 16.86 15.67 -2.92
CA ILE B 90 17.68 16.88 -2.91
C ILE B 90 17.49 17.62 -4.24
N ILE B 91 17.63 16.91 -5.35
CA ILE B 91 17.42 17.53 -6.66
C ILE B 91 16.07 18.28 -6.65
N ALA B 92 15.03 17.60 -6.15
CA ALA B 92 13.69 18.18 -6.08
C ALA B 92 13.62 19.30 -5.06
N GLY B 93 14.39 19.17 -3.99
CA GLY B 93 14.39 20.20 -2.95
C GLY B 93 14.92 21.50 -3.50
N LYS B 94 16.08 21.43 -4.13
CA LYS B 94 16.72 22.59 -4.72
C LYS B 94 15.81 23.26 -5.74
N SER B 95 15.12 22.47 -6.56
CA SER B 95 14.21 23.01 -7.56
C SER B 95 13.08 23.74 -6.83
N ALA B 96 12.62 23.16 -5.74
CA ALA B 96 11.55 23.77 -4.95
C ALA B 96 12.03 25.13 -4.45
N ASN B 97 13.21 25.14 -3.83
CA ASN B 97 13.81 26.36 -3.30
C ASN B 97 13.83 27.46 -4.37
N GLU B 98 14.30 27.11 -5.56
CA GLU B 98 14.38 28.07 -6.65
C GLU B 98 13.04 28.63 -7.13
N HIS B 99 11.95 27.94 -6.82
CA HIS B 99 10.64 28.42 -7.26
C HIS B 99 9.75 28.85 -6.10
N GLY B 100 10.36 29.06 -4.92
CA GLY B 100 9.61 29.48 -3.75
C GLY B 100 8.56 28.49 -3.26
N VAL B 101 8.77 27.20 -3.50
CA VAL B 101 7.81 26.18 -3.05
C VAL B 101 8.26 25.61 -1.71
N PRO B 102 7.45 25.81 -0.67
CA PRO B 102 7.83 25.31 0.66
C PRO B 102 8.18 23.82 0.66
N VAL B 103 9.22 23.46 1.39
CA VAL B 103 9.65 22.08 1.48
C VAL B 103 9.49 21.62 2.92
N ILE B 104 9.02 20.39 3.11
CA ILE B 104 8.83 19.83 4.44
C ILE B 104 9.59 18.50 4.54
N LEU B 105 10.23 18.25 5.68
CA LEU B 105 10.99 17.02 5.88
C LEU B 105 10.51 16.15 7.02
N ASP B 106 10.34 14.87 6.73
CA ASP B 106 9.92 13.91 7.74
C ASP B 106 11.09 12.95 7.83
N PRO B 107 11.97 13.11 8.83
CA PRO B 107 13.14 12.25 9.01
C PRO B 107 12.85 10.88 9.62
N VAL B 108 11.91 10.16 9.01
CA VAL B 108 11.51 8.83 9.49
C VAL B 108 12.68 7.89 9.83
N GLY B 109 12.78 7.50 11.10
CA GLY B 109 13.82 6.57 11.52
C GLY B 109 15.21 7.12 11.76
N ALA B 110 15.38 8.43 11.65
CA ALA B 110 16.67 9.06 11.89
C ALA B 110 17.13 8.67 13.28
N GLY B 111 18.38 8.21 13.40
CA GLY B 111 18.89 7.80 14.69
C GLY B 111 18.81 6.30 14.93
N ALA B 112 17.93 5.61 14.21
CA ALA B 112 17.76 4.16 14.37
C ALA B 112 18.80 3.43 13.54
N THR B 113 19.16 4.06 12.43
CA THR B 113 20.13 3.53 11.50
C THR B 113 20.98 4.73 11.07
N PRO B 114 22.29 4.53 10.94
CA PRO B 114 23.22 5.59 10.52
C PRO B 114 22.92 6.19 9.14
N PHE B 115 22.44 5.35 8.24
CA PHE B 115 22.12 5.80 6.87
C PHE B 115 20.96 6.79 6.88
N ARG B 116 19.97 6.53 7.74
CA ARG B 116 18.83 7.43 7.86
C ARG B 116 19.28 8.74 8.50
N THR B 117 20.17 8.65 9.47
CA THR B 117 20.68 9.85 10.15
C THR B 117 21.38 10.74 9.13
N GLU B 118 22.32 10.15 8.39
CA GLU B 118 23.09 10.88 7.39
C GLU B 118 22.24 11.37 6.23
N SER B 119 21.25 10.60 5.83
CA SER B 119 20.42 11.03 4.72
C SER B 119 19.60 12.23 5.16
N ALA B 120 19.18 12.23 6.44
CA ALA B 120 18.40 13.33 6.96
C ALA B 120 19.26 14.60 7.02
N ARG B 121 20.48 14.48 7.53
CA ARG B 121 21.39 15.62 7.62
C ARG B 121 21.82 16.14 6.26
N ASP B 122 22.02 15.23 5.31
CA ASP B 122 22.44 15.61 3.97
C ASP B 122 21.39 16.50 3.32
N ILE B 123 20.13 16.19 3.60
CA ILE B 123 19.03 16.94 3.03
C ILE B 123 18.95 18.34 3.60
N ILE B 124 19.17 18.44 4.91
CA ILE B 124 19.12 19.72 5.61
C ILE B 124 20.23 20.62 5.08
N ARG B 125 21.40 20.02 4.87
CA ARG B 125 22.58 20.72 4.38
C ARG B 125 22.40 21.29 2.98
N GLU B 126 21.57 20.65 2.18
CA GLU B 126 21.38 21.06 0.80
C GLU B 126 20.08 21.77 0.49
N VAL B 127 19.03 21.50 1.26
CA VAL B 127 17.72 22.09 1.00
C VAL B 127 17.20 23.02 2.09
N ARG B 128 16.82 24.24 1.70
CA ARG B 128 16.24 25.16 2.69
C ARG B 128 14.84 24.60 2.97
N LEU B 129 14.60 24.27 4.24
CA LEU B 129 13.34 23.69 4.66
C LEU B 129 12.46 24.62 5.48
N ALA B 130 11.15 24.55 5.23
CA ALA B 130 10.18 25.35 5.94
C ALA B 130 9.83 24.72 7.27
N ALA B 131 9.90 23.39 7.34
CA ALA B 131 9.59 22.69 8.56
C ALA B 131 10.11 21.27 8.58
N ILE B 132 10.18 20.70 9.77
CA ILE B 132 10.63 19.33 9.97
C ILE B 132 9.71 18.73 11.04
N ARG B 133 8.98 17.68 10.65
CA ARG B 133 8.05 17.04 11.55
C ARG B 133 8.52 15.64 11.89
N GLY B 134 8.49 15.29 13.16
CA GLY B 134 8.91 13.97 13.58
C GLY B 134 8.81 13.84 15.07
N ASN B 135 9.20 12.68 15.61
CA ASN B 135 9.15 12.50 17.06
C ASN B 135 10.46 13.01 17.66
N ALA B 136 10.45 13.23 18.99
CA ALA B 136 11.62 13.71 19.70
C ALA B 136 12.94 13.01 19.33
N ALA B 137 12.95 11.68 19.38
CA ALA B 137 14.16 10.95 19.07
C ALA B 137 14.76 11.31 17.71
N GLU B 138 13.93 11.31 16.67
CA GLU B 138 14.42 11.60 15.32
C GLU B 138 14.99 13.01 15.19
N ILE B 139 14.31 13.98 15.77
CA ILE B 139 14.77 15.36 15.71
C ILE B 139 16.12 15.47 16.42
N ALA B 140 16.20 14.93 17.63
CA ALA B 140 17.42 14.96 18.42
C ALA B 140 18.63 14.34 17.71
N HIS B 141 18.46 13.12 17.21
CA HIS B 141 19.57 12.45 16.51
C HIS B 141 19.96 13.17 15.23
N THR B 142 18.98 13.76 14.55
CA THR B 142 19.21 14.49 13.31
C THR B 142 20.00 15.79 13.53
N VAL B 143 19.42 16.71 14.30
CA VAL B 143 20.05 18.00 14.56
C VAL B 143 21.23 17.95 15.52
N GLY B 144 21.15 17.09 16.54
CA GLY B 144 22.25 17.00 17.50
C GLY B 144 21.83 17.44 18.89
N VAL B 145 22.70 17.23 19.88
CA VAL B 145 22.36 17.61 21.24
C VAL B 145 23.04 18.85 21.77
N THR B 146 22.23 19.75 22.35
CA THR B 146 22.78 20.97 22.92
C THR B 146 22.82 20.85 24.43
N ASP B 161 13.23 20.14 28.38
CA ASP B 161 12.62 18.94 27.77
C ASP B 161 12.41 19.11 26.25
N ILE B 162 11.26 18.68 25.76
CA ILE B 162 10.94 18.77 24.34
C ILE B 162 10.88 20.22 23.87
N ILE B 163 10.36 21.09 24.73
CA ILE B 163 10.24 22.50 24.41
C ILE B 163 11.60 23.12 24.13
N ARG B 164 12.60 22.77 24.94
CA ARG B 164 13.94 23.30 24.76
C ARG B 164 14.54 22.72 23.48
N LEU B 165 14.34 21.42 23.29
CA LEU B 165 14.84 20.75 22.11
C LEU B 165 14.30 21.41 20.83
N ALA B 166 13.00 21.55 20.72
CA ALA B 166 12.42 22.17 19.53
C ALA B 166 12.97 23.56 19.28
N GLN B 167 13.01 24.38 20.33
CA GLN B 167 13.50 25.75 20.23
C GLN B 167 14.96 25.82 19.77
N GLN B 168 15.83 25.05 20.40
CA GLN B 168 17.24 25.06 20.02
C GLN B 168 17.43 24.61 18.57
N ALA B 169 16.68 23.58 18.17
CA ALA B 169 16.76 23.06 16.81
C ALA B 169 16.30 24.08 15.77
N ALA B 170 15.13 24.66 15.98
CA ALA B 170 14.59 25.65 15.05
C ALA B 170 15.60 26.79 14.89
N GLN B 171 16.27 27.14 15.98
CA GLN B 171 17.27 28.19 15.96
C GLN B 171 18.50 27.83 15.12
N LYS B 172 19.03 26.62 15.32
CA LYS B 172 20.21 26.17 14.59
C LYS B 172 19.99 26.01 13.08
N LEU B 173 18.86 25.41 12.71
CA LEU B 173 18.57 25.20 11.30
C LEU B 173 17.74 26.33 10.67
N ASN B 174 17.33 27.28 11.51
CA ASN B 174 16.52 28.41 11.06
C ASN B 174 15.33 27.89 10.27
N THR B 175 14.52 27.08 10.93
CA THR B 175 13.35 26.49 10.30
C THR B 175 12.33 26.23 11.38
N VAL B 176 11.25 25.55 11.03
CA VAL B 176 10.19 25.23 11.97
C VAL B 176 10.33 23.77 12.39
N ILE B 177 10.39 23.53 13.69
CA ILE B 177 10.52 22.18 14.21
C ILE B 177 9.19 21.79 14.83
N ALA B 178 8.58 20.72 14.32
CA ALA B 178 7.31 20.22 14.84
C ALA B 178 7.47 18.82 15.40
N ILE B 179 7.69 18.73 16.71
CA ILE B 179 7.87 17.44 17.37
C ILE B 179 6.53 16.91 17.89
N THR B 180 5.87 16.07 17.11
CA THR B 180 4.58 15.56 17.53
C THR B 180 4.67 14.42 18.54
N GLY B 181 3.52 14.09 19.13
CA GLY B 181 3.45 13.03 20.10
C GLY B 181 2.24 13.27 20.99
N GLU B 182 2.30 12.74 22.20
CA GLU B 182 1.23 12.90 23.18
C GLU B 182 0.79 14.37 23.17
N VAL B 183 1.75 15.25 23.44
CA VAL B 183 1.52 16.69 23.43
C VAL B 183 2.43 17.19 22.32
N ASP B 184 1.89 17.99 21.40
CA ASP B 184 2.68 18.50 20.29
C ASP B 184 3.38 19.79 20.66
N VAL B 185 4.67 19.84 20.33
CA VAL B 185 5.51 20.99 20.60
C VAL B 185 6.00 21.54 19.27
N ILE B 186 5.59 22.76 18.95
CA ILE B 186 5.99 23.35 17.69
C ILE B 186 6.70 24.67 17.93
N ALA B 187 7.77 24.96 17.19
CA ALA B 187 8.49 26.19 17.40
C ALA B 187 9.34 26.64 16.23
N ASP B 188 9.37 27.95 16.00
CA ASP B 188 10.23 28.50 14.95
C ASP B 188 11.37 29.12 15.76
N THR B 189 12.24 29.87 15.10
CA THR B 189 13.38 30.48 15.80
C THR B 189 13.10 31.36 17.02
N SER B 190 11.88 31.87 17.17
CA SER B 190 11.58 32.72 18.32
C SER B 190 10.18 32.60 18.95
N HIS B 191 9.49 31.49 18.71
CA HIS B 191 8.15 31.25 19.27
C HIS B 191 7.96 29.73 19.50
N VAL B 192 7.18 29.35 20.49
CA VAL B 192 6.92 27.93 20.74
C VAL B 192 5.47 27.74 21.16
N TYR B 193 4.81 26.72 20.62
CA TYR B 193 3.43 26.43 20.96
C TYR B 193 3.26 24.98 21.38
N THR B 194 2.20 24.72 22.14
CA THR B 194 1.92 23.38 22.61
C THR B 194 0.50 22.99 22.19
N LEU B 195 0.39 21.88 21.47
CA LEU B 195 -0.92 21.40 21.00
C LEU B 195 -1.35 20.21 21.83
N HIS B 196 -2.66 20.06 22.02
CA HIS B 196 -3.22 18.99 22.83
C HIS B 196 -4.47 18.36 22.22
N ASN B 197 -4.35 17.87 20.99
CA ASN B 197 -5.46 17.23 20.32
C ASN B 197 -5.09 15.82 19.84
N GLY B 198 -5.80 15.31 18.84
CA GLY B 198 -5.49 13.97 18.37
C GLY B 198 -5.94 12.89 19.33
N HIS B 199 -5.58 11.65 19.04
CA HIS B 199 -5.95 10.52 19.88
C HIS B 199 -4.89 9.42 19.81
N LYS B 200 -4.81 8.61 20.86
CA LYS B 200 -3.83 7.53 20.98
C LYS B 200 -3.83 6.48 19.84
N LEU B 201 -4.98 6.24 19.22
CA LEU B 201 -5.07 5.25 18.14
C LEU B 201 -4.18 5.58 16.92
N LEU B 202 -3.82 6.84 16.74
CA LEU B 202 -2.94 7.22 15.62
C LEU B 202 -1.62 6.44 15.77
N THR B 203 -1.32 6.04 17.00
CA THR B 203 -0.11 5.28 17.30
C THR B 203 -0.18 3.87 16.70
N LYS B 204 -1.40 3.45 16.38
CA LYS B 204 -1.64 2.11 15.84
C LYS B 204 -1.89 2.11 14.34
N VAL B 205 -1.86 3.28 13.72
CA VAL B 205 -2.05 3.37 12.28
C VAL B 205 -0.77 3.80 11.57
N THR B 206 -0.20 2.88 10.79
CA THR B 206 1.03 3.17 10.08
C THR B 206 0.84 4.34 9.12
N GLY B 207 1.82 5.25 9.10
CA GLY B 207 1.73 6.41 8.25
C GLY B 207 1.00 7.59 8.86
N ALA B 208 0.53 7.43 10.10
CA ALA B 208 -0.17 8.53 10.76
C ALA B 208 0.71 9.79 10.76
N GLY B 209 2.01 9.60 10.97
CA GLY B 209 2.94 10.72 10.95
C GLY B 209 3.24 11.23 9.54
N SER B 210 3.39 10.31 8.60
CA SER B 210 3.68 10.68 7.22
C SER B 210 2.54 11.47 6.58
N LEU B 211 1.31 11.03 6.80
CA LEU B 211 0.17 11.74 6.26
C LEU B 211 0.13 13.13 6.89
N LEU B 212 0.42 13.22 8.20
CA LEU B 212 0.45 14.49 8.91
C LEU B 212 1.43 15.46 8.23
N THR B 213 2.67 15.00 8.04
CA THR B 213 3.71 15.81 7.40
C THR B 213 3.19 16.38 6.09
N SER B 214 2.56 15.52 5.28
CA SER B 214 2.02 15.95 4.02
C SER B 214 0.88 16.95 4.28
N VAL B 215 0.11 16.72 5.34
CA VAL B 215 -0.97 17.64 5.66
C VAL B 215 -0.30 18.99 5.96
N VAL B 216 0.81 18.94 6.70
CA VAL B 216 1.57 20.13 7.03
C VAL B 216 1.95 20.85 5.71
N GLY B 217 2.44 20.07 4.74
CA GLY B 217 2.82 20.65 3.46
C GLY B 217 1.63 21.34 2.84
N ALA B 218 0.46 20.71 2.96
CA ALA B 218 -0.77 21.25 2.44
C ALA B 218 -1.04 22.64 3.02
N PHE B 219 -0.91 22.77 4.34
CA PHE B 219 -1.15 24.05 4.98
C PHE B 219 -0.10 25.08 4.60
N CYS B 220 1.14 24.64 4.43
CA CYS B 220 2.22 25.54 4.06
C CYS B 220 1.99 26.12 2.67
N ALA B 221 1.20 25.43 1.86
CA ALA B 221 0.92 25.87 0.50
C ALA B 221 -0.02 27.07 0.41
N VAL B 222 -0.64 27.42 1.53
CA VAL B 222 -1.57 28.54 1.53
C VAL B 222 -1.39 29.48 2.73
N GLU B 223 -0.56 29.06 3.69
CA GLU B 223 -0.30 29.89 4.87
C GLU B 223 1.17 30.32 4.83
N GLU B 224 1.38 31.62 4.62
CA GLU B 224 2.71 32.20 4.51
C GLU B 224 3.63 31.91 5.68
N ASN B 225 3.16 32.08 6.91
CA ASN B 225 3.99 31.79 8.07
C ASN B 225 3.97 30.27 8.32
N PRO B 226 5.13 29.63 8.15
CA PRO B 226 5.28 28.18 8.35
C PRO B 226 4.84 27.67 9.72
N LEU B 227 5.20 28.40 10.78
CA LEU B 227 4.82 28.00 12.14
C LEU B 227 3.30 27.95 12.30
N PHE B 228 2.62 28.94 11.73
CA PHE B 228 1.17 28.97 11.82
C PHE B 228 0.63 27.81 10.99
N ALA B 229 1.26 27.57 9.85
CA ALA B 229 0.85 26.48 8.97
C ALA B 229 0.88 25.13 9.72
N ALA B 230 2.02 24.83 10.33
CA ALA B 230 2.20 23.58 11.08
C ALA B 230 1.18 23.40 12.17
N ILE B 231 0.96 24.47 12.94
CA ILE B 231 -0.01 24.45 14.04
C ILE B 231 -1.41 24.19 13.53
N ALA B 232 -1.80 24.93 12.50
CA ALA B 232 -3.13 24.77 11.93
C ALA B 232 -3.31 23.34 11.40
N ALA B 233 -2.30 22.84 10.68
CA ALA B 233 -2.36 21.50 10.12
C ALA B 233 -2.48 20.44 11.20
N ILE B 234 -1.63 20.54 12.22
CA ILE B 234 -1.64 19.56 13.29
C ILE B 234 -2.91 19.61 14.16
N SER B 235 -3.46 20.81 14.35
CA SER B 235 -4.68 20.93 15.15
C SER B 235 -5.85 20.31 14.39
N SER B 236 -6.00 20.67 13.12
CA SER B 236 -7.07 20.15 12.30
C SER B 236 -6.99 18.62 12.27
N TYR B 237 -5.78 18.15 11.97
CA TYR B 237 -5.50 16.72 11.92
C TYR B 237 -5.87 16.07 13.26
N GLY B 238 -5.45 16.70 14.35
CA GLY B 238 -5.75 16.17 15.68
C GLY B 238 -7.22 16.15 16.05
N VAL B 239 -7.97 17.17 15.64
CA VAL B 239 -9.40 17.24 15.94
C VAL B 239 -10.11 16.16 15.12
N ALA B 240 -9.70 16.04 13.86
CA ALA B 240 -10.28 15.03 12.99
C ALA B 240 -10.04 13.67 13.63
N ALA B 241 -8.81 13.45 14.09
CA ALA B 241 -8.44 12.19 14.73
C ALA B 241 -9.35 11.90 15.93
N GLN B 242 -9.60 12.94 16.74
CA GLN B 242 -10.46 12.82 17.92
C GLN B 242 -11.86 12.37 17.54
N LEU B 243 -12.48 13.11 16.61
CA LEU B 243 -13.82 12.80 16.14
C LEU B 243 -13.93 11.36 15.63
N ALA B 244 -12.97 10.94 14.82
CA ALA B 244 -12.94 9.59 14.28
C ALA B 244 -12.87 8.55 15.39
N ALA B 245 -12.14 8.88 16.46
CA ALA B 245 -11.99 7.97 17.60
C ALA B 245 -13.27 7.78 18.42
N GLN B 246 -14.11 8.82 18.49
CA GLN B 246 -15.36 8.70 19.26
C GLN B 246 -16.28 7.77 18.47
N GLN B 247 -16.40 8.04 17.17
CA GLN B 247 -17.22 7.24 16.27
C GLN B 247 -16.66 5.81 16.21
N THR B 248 -15.36 5.66 16.44
CA THR B 248 -14.73 4.36 16.40
C THR B 248 -14.90 3.59 17.71
N ALA B 249 -14.59 4.28 18.81
CA ALA B 249 -14.70 3.71 20.15
C ALA B 249 -13.81 2.49 20.34
N ASP B 250 -14.45 1.35 20.60
CA ASP B 250 -13.77 0.09 20.84
C ASP B 250 -13.70 -0.85 19.63
N LYS B 251 -14.05 -0.37 18.44
CA LYS B 251 -14.01 -1.24 17.26
C LYS B 251 -12.62 -1.76 16.90
N GLY B 252 -11.64 -0.86 16.79
CA GLY B 252 -10.29 -1.28 16.47
C GLY B 252 -9.48 -0.31 15.60
N PRO B 253 -8.17 -0.56 15.44
CA PRO B 253 -7.26 0.27 14.64
C PRO B 253 -7.73 0.40 13.19
N GLY B 254 -8.21 -0.72 12.63
CA GLY B 254 -8.70 -0.72 11.27
C GLY B 254 -9.84 0.25 11.02
N SER B 255 -10.90 0.18 11.83
CA SER B 255 -12.04 1.07 11.68
C SER B 255 -11.60 2.51 11.91
N PHE B 256 -10.64 2.69 12.81
CA PHE B 256 -10.14 4.03 13.11
C PHE B 256 -9.44 4.64 11.89
N GLN B 257 -8.58 3.85 11.25
CA GLN B 257 -7.84 4.29 10.06
C GLN B 257 -8.82 4.85 9.05
N ILE B 258 -9.92 4.12 8.84
CA ILE B 258 -10.96 4.49 7.90
C ILE B 258 -11.73 5.73 8.38
N GLU B 259 -12.15 5.72 9.64
CA GLU B 259 -12.86 6.88 10.18
C GLU B 259 -12.00 8.13 10.07
N LEU B 260 -10.70 7.98 10.29
CA LEU B 260 -9.78 9.11 10.21
C LEU B 260 -9.86 9.70 8.79
N LEU B 261 -9.91 8.84 7.78
CA LEU B 261 -10.02 9.30 6.39
C LEU B 261 -11.33 10.07 6.17
N ASN B 262 -12.43 9.56 6.72
CA ASN B 262 -13.73 10.20 6.61
C ASN B 262 -13.67 11.58 7.25
N LYS B 263 -13.19 11.63 8.49
CA LYS B 263 -13.09 12.90 9.23
C LYS B 263 -12.22 13.98 8.59
N LEU B 264 -11.17 13.59 7.88
CA LEU B 264 -10.34 14.61 7.24
C LEU B 264 -11.19 15.31 6.19
N SER B 265 -12.27 14.64 5.81
CA SER B 265 -13.20 15.17 4.80
C SER B 265 -14.37 15.87 5.51
N THR B 266 -14.83 15.24 6.59
CA THR B 266 -15.97 15.70 7.39
C THR B 266 -15.74 16.88 8.33
N VAL B 267 -14.61 16.89 9.03
CA VAL B 267 -14.29 17.95 9.98
C VAL B 267 -14.52 19.34 9.39
N THR B 268 -15.11 20.23 10.19
CA THR B 268 -15.41 21.58 9.72
C THR B 268 -14.57 22.66 10.38
N GLU B 269 -14.60 23.85 9.76
CA GLU B 269 -13.87 25.00 10.29
C GLU B 269 -14.39 25.14 11.72
N GLN B 270 -15.70 24.92 11.84
CA GLN B 270 -16.38 25.01 13.12
C GLN B 270 -15.73 24.07 14.13
N ASP B 271 -15.68 22.78 13.81
CA ASP B 271 -15.08 21.78 14.70
C ASP B 271 -13.68 22.19 15.19
N VAL B 272 -12.89 22.78 14.31
CA VAL B 272 -11.55 23.21 14.69
C VAL B 272 -11.62 24.33 15.71
N GLN B 273 -12.40 25.37 15.39
CA GLN B 273 -12.58 26.51 16.29
C GLN B 273 -13.04 26.02 17.66
N GLU B 274 -13.81 24.94 17.67
CA GLU B 274 -14.34 24.37 18.90
C GLU B 274 -13.36 23.53 19.70
N TRP B 275 -12.85 22.46 19.10
CA TRP B 275 -11.96 21.53 19.78
C TRP B 275 -10.46 21.88 19.85
N ALA B 276 -9.99 22.61 18.86
CA ALA B 276 -8.58 23.00 18.81
C ALA B 276 -8.11 23.60 20.12
N THR B 277 -7.05 23.01 20.68
CA THR B 277 -6.47 23.48 21.94
C THR B 277 -5.01 23.88 21.71
N ILE B 278 -4.81 25.16 21.43
CA ILE B 278 -3.50 25.72 21.14
C ILE B 278 -3.00 26.57 22.31
N GLU B 279 -1.75 26.37 22.71
CA GLU B 279 -1.19 27.11 23.84
C GLU B 279 0.22 27.66 23.57
N ARG B 280 0.38 28.98 23.73
CA ARG B 280 1.67 29.62 23.54
C ARG B 280 2.46 29.54 24.83
N VAL B 281 3.76 29.27 24.71
CA VAL B 281 4.65 29.14 25.87
C VAL B 281 5.52 30.39 26.06
N THR B 282 5.66 30.81 27.33
CA THR B 282 6.45 31.99 27.70
C THR B 282 7.96 31.77 27.62
N VAL B 283 8.41 30.59 28.06
CA VAL B 283 9.83 30.20 28.06
C VAL B 283 10.66 30.96 29.11
N MET C 1 14.37 -11.94 24.36
CA MET C 1 12.89 -12.01 24.46
C MET C 1 12.40 -13.37 23.94
N ARG C 2 13.27 -14.05 23.21
CA ARG C 2 12.93 -15.34 22.62
C ARG C 2 13.04 -16.56 23.54
N GLY C 3 11.95 -16.86 24.25
CA GLY C 3 11.94 -18.02 25.14
C GLY C 3 11.13 -19.14 24.53
N SER C 4 10.92 -20.23 25.28
CA SER C 4 10.14 -21.37 24.79
C SER C 4 8.86 -21.51 25.61
N HIS C 5 7.72 -21.64 24.92
CA HIS C 5 6.43 -21.73 25.59
C HIS C 5 5.78 -23.12 25.52
N HIS C 6 6.52 -24.08 24.98
CA HIS C 6 6.03 -25.44 24.86
C HIS C 6 7.17 -26.34 24.42
N HIS C 7 7.12 -27.59 24.87
CA HIS C 7 8.11 -28.60 24.53
C HIS C 7 7.32 -29.87 24.26
N HIS C 8 7.73 -30.65 23.27
CA HIS C 8 7.03 -31.89 22.97
C HIS C 8 7.06 -32.83 24.16
N HIS C 9 8.04 -32.64 25.05
CA HIS C 9 8.15 -33.46 26.25
C HIS C 9 6.88 -33.34 27.08
N HIS C 10 6.09 -32.31 26.78
CA HIS C 10 4.84 -32.04 27.50
C HIS C 10 3.62 -32.42 26.64
N GLY C 11 3.88 -32.93 25.44
CA GLY C 11 2.81 -33.30 24.54
C GLY C 11 2.87 -32.53 23.23
N SER C 12 1.79 -32.60 22.45
CA SER C 12 1.74 -31.90 21.17
C SER C 12 1.50 -30.40 21.33
N MET C 13 2.07 -29.60 20.44
CA MET C 13 1.85 -28.16 20.47
C MET C 13 0.33 -28.01 20.48
N ASP C 14 -0.23 -27.35 21.49
CA ASP C 14 -1.68 -27.20 21.58
C ASP C 14 -2.24 -25.79 21.50
N ALA C 15 -3.53 -25.67 21.81
CA ALA C 15 -4.25 -24.41 21.78
C ALA C 15 -3.87 -23.45 22.88
N GLN C 16 -3.63 -23.96 24.08
CA GLN C 16 -3.26 -23.09 25.19
C GLN C 16 -1.86 -22.51 25.03
N SER C 17 -0.94 -23.32 24.53
CA SER C 17 0.43 -22.88 24.29
C SER C 17 0.45 -21.77 23.24
N ALA C 18 -0.40 -21.91 22.23
CA ALA C 18 -0.50 -20.91 21.17
C ALA C 18 -1.04 -19.61 21.77
N ALA C 19 -2.03 -19.73 22.66
CA ALA C 19 -2.59 -18.56 23.31
C ALA C 19 -1.49 -17.90 24.12
N LYS C 20 -0.59 -18.72 24.66
CA LYS C 20 0.52 -18.23 25.46
C LYS C 20 1.39 -17.33 24.58
N CYS C 21 1.77 -17.86 23.41
CA CYS C 21 2.62 -17.13 22.48
C CYS C 21 2.07 -15.75 22.06
N LEU C 22 0.75 -15.64 21.92
CA LEU C 22 0.11 -14.39 21.53
C LEU C 22 0.37 -13.32 22.60
N THR C 23 0.14 -13.67 23.85
CA THR C 23 0.37 -12.73 24.94
C THR C 23 1.84 -12.33 24.94
N ALA C 24 2.72 -13.31 24.72
CA ALA C 24 4.14 -13.06 24.70
C ALA C 24 4.49 -12.03 23.63
N VAL C 25 3.92 -12.20 22.43
CA VAL C 25 4.19 -11.27 21.34
C VAL C 25 3.81 -9.85 21.77
N ARG C 26 2.64 -9.71 22.37
CA ARG C 26 2.17 -8.41 22.81
C ARG C 26 2.96 -7.87 24.00
N ARG C 27 3.56 -8.77 24.78
CA ARG C 27 4.35 -8.36 25.93
C ARG C 27 5.63 -7.66 25.49
N HIS C 28 6.37 -8.30 24.59
CA HIS C 28 7.66 -7.79 24.09
C HIS C 28 7.58 -6.89 22.87
N SER C 29 6.46 -6.94 22.17
CA SER C 29 6.27 -6.16 20.93
C SER C 29 7.53 -6.18 20.07
N PRO C 30 7.88 -7.35 19.53
CA PRO C 30 9.07 -7.46 18.70
C PRO C 30 9.10 -6.55 17.47
N LEU C 31 10.30 -6.05 17.18
CA LEU C 31 10.50 -5.20 16.03
C LEU C 31 10.67 -6.19 14.87
N VAL C 32 9.67 -6.24 14.00
CA VAL C 32 9.70 -7.15 12.86
C VAL C 32 10.14 -6.40 11.61
N HIS C 33 11.37 -6.66 11.18
CA HIS C 33 11.93 -6.03 10.00
C HIS C 33 11.61 -6.90 8.78
N SER C 34 10.85 -6.34 7.84
CA SER C 34 10.53 -7.07 6.64
C SER C 34 10.87 -6.35 5.34
N ILE C 35 11.60 -7.06 4.48
CA ILE C 35 12.00 -6.56 3.17
C ILE C 35 10.95 -7.29 2.32
N THR C 36 9.87 -6.59 1.99
CA THR C 36 8.75 -7.21 1.30
C THR C 36 8.31 -6.54 -0.01
N ASN C 37 7.21 -7.02 -0.59
CA ASN C 37 6.72 -6.47 -1.85
C ASN C 37 5.86 -5.23 -1.61
N ASN C 38 5.88 -4.31 -2.58
CA ASN C 38 5.14 -3.06 -2.42
C ASN C 38 3.62 -3.13 -2.61
N VAL C 39 3.09 -4.34 -2.74
CA VAL C 39 1.64 -4.47 -2.86
C VAL C 39 1.04 -4.67 -1.46
N VAL C 40 1.89 -5.03 -0.49
CA VAL C 40 1.42 -5.33 0.85
C VAL C 40 2.10 -4.56 1.98
N THR C 41 2.89 -3.56 1.63
CA THR C 41 3.61 -2.78 2.64
C THR C 41 2.72 -2.21 3.75
N ASN C 42 1.76 -1.39 3.36
CA ASN C 42 0.84 -0.74 4.28
C ASN C 42 0.00 -1.72 5.11
N PHE C 43 -0.50 -2.76 4.46
CA PHE C 43 -1.35 -3.73 5.16
C PHE C 43 -0.52 -4.54 6.16
N THR C 44 0.71 -4.87 5.78
CA THR C 44 1.57 -5.64 6.65
C THR C 44 1.83 -4.86 7.92
N ALA C 45 2.27 -3.61 7.75
CA ALA C 45 2.57 -2.75 8.89
C ALA C 45 1.35 -2.51 9.78
N ASN C 46 0.18 -2.34 9.17
CA ASN C 46 -1.03 -2.09 9.95
C ASN C 46 -1.46 -3.35 10.70
N GLY C 47 -1.28 -4.51 10.08
CA GLY C 47 -1.65 -5.76 10.70
C GLY C 47 -0.76 -6.01 11.90
N LEU C 48 0.55 -5.81 11.73
CA LEU C 48 1.52 -5.99 12.81
C LEU C 48 1.26 -5.04 13.97
N LEU C 49 0.93 -3.79 13.66
CA LEU C 49 0.65 -2.81 14.71
C LEU C 49 -0.62 -3.21 15.45
N ALA C 50 -1.62 -3.67 14.70
CA ALA C 50 -2.87 -4.10 15.31
C ALA C 50 -2.57 -5.24 16.29
N LEU C 51 -1.79 -6.21 15.85
CA LEU C 51 -1.44 -7.35 16.68
C LEU C 51 -0.75 -6.93 17.97
N GLY C 52 0.16 -5.97 17.86
CA GLY C 52 0.91 -5.48 19.01
C GLY C 52 2.42 -5.52 18.80
N ALA C 53 2.85 -5.79 17.57
CA ALA C 53 4.28 -5.84 17.26
C ALA C 53 4.74 -4.48 16.74
N SER C 54 6.03 -4.39 16.40
CA SER C 54 6.61 -3.15 15.88
C SER C 54 7.12 -3.40 14.47
N PRO C 55 6.40 -2.89 13.46
CA PRO C 55 6.81 -3.09 12.07
C PRO C 55 7.86 -2.08 11.63
N VAL C 56 8.68 -2.48 10.66
CA VAL C 56 9.69 -1.61 10.10
C VAL C 56 10.11 -2.20 8.75
N MET C 57 10.11 -1.36 7.73
CA MET C 57 10.52 -1.78 6.40
C MET C 57 11.78 -1.02 6.05
N ALA C 58 12.78 -1.73 5.57
CA ALA C 58 14.04 -1.13 5.15
C ALA C 58 14.53 -2.01 4.03
N TYR C 59 14.84 -1.41 2.88
CA TYR C 59 15.29 -2.18 1.73
C TYR C 59 16.71 -1.86 1.25
N ALA C 60 17.22 -0.69 1.62
CA ALA C 60 18.56 -0.27 1.18
C ALA C 60 19.71 -1.15 1.68
N LYS C 61 20.62 -1.51 0.78
CA LYS C 61 21.78 -2.30 1.17
C LYS C 61 22.64 -1.45 2.11
N GLU C 62 22.51 -0.12 1.99
CA GLU C 62 23.27 0.77 2.85
C GLU C 62 22.80 0.69 4.31
N GLU C 63 21.67 0.03 4.57
CA GLU C 63 21.19 -0.06 5.94
C GLU C 63 20.58 -1.40 6.40
N VAL C 64 20.20 -2.27 5.46
CA VAL C 64 19.58 -3.53 5.87
C VAL C 64 20.37 -4.34 6.90
N ALA C 65 21.68 -4.42 6.75
CA ALA C 65 22.47 -5.18 7.70
C ALA C 65 22.28 -4.63 9.12
N ASP C 66 22.39 -3.31 9.24
CA ASP C 66 22.21 -2.63 10.51
C ASP C 66 20.80 -2.80 11.09
N MET C 67 19.78 -2.69 10.24
CA MET C 67 18.41 -2.81 10.72
C MET C 67 18.10 -4.23 11.15
N ALA C 68 18.62 -5.21 10.43
CA ALA C 68 18.36 -6.61 10.75
C ALA C 68 18.93 -7.05 12.11
N LYS C 69 20.14 -6.61 12.44
CA LYS C 69 20.74 -7.03 13.70
C LYS C 69 20.02 -6.57 14.96
N ILE C 70 19.26 -5.48 14.88
CA ILE C 70 18.52 -5.00 16.07
C ILE C 70 17.04 -5.35 15.98
N ALA C 71 16.71 -6.33 15.15
CA ALA C 71 15.33 -6.75 14.96
C ALA C 71 15.03 -8.07 15.68
N GLY C 72 13.77 -8.28 16.02
CA GLY C 72 13.39 -9.52 16.67
C GLY C 72 13.26 -10.64 15.65
N ALA C 73 12.91 -10.27 14.42
CA ALA C 73 12.73 -11.22 13.34
C ALA C 73 12.84 -10.51 12.00
N LEU C 74 13.41 -11.21 11.02
CA LEU C 74 13.59 -10.67 9.67
C LEU C 74 12.71 -11.50 8.74
N VAL C 75 11.94 -10.82 7.90
CA VAL C 75 11.05 -11.52 6.98
C VAL C 75 11.34 -11.05 5.56
N LEU C 76 11.62 -12.02 4.68
CA LEU C 76 11.94 -11.74 3.29
C LEU C 76 10.75 -12.13 2.41
N ASN C 77 10.36 -11.22 1.51
CA ASN C 77 9.22 -11.45 0.63
C ASN C 77 9.56 -10.99 -0.78
N ILE C 78 9.51 -11.92 -1.73
CA ILE C 78 9.83 -11.65 -3.13
C ILE C 78 8.62 -11.33 -4.03
N GLY C 79 7.50 -10.93 -3.42
CA GLY C 79 6.29 -10.61 -4.17
C GLY C 79 6.50 -9.73 -5.40
N THR C 80 7.32 -8.68 -5.29
CA THR C 80 7.61 -7.79 -6.42
C THR C 80 9.11 -7.52 -6.38
N LEU C 81 9.86 -8.61 -6.33
CA LEU C 81 11.32 -8.62 -6.24
C LEU C 81 12.04 -7.99 -7.41
N SER C 82 13.26 -7.55 -7.15
CA SER C 82 14.15 -6.94 -8.13
C SER C 82 15.51 -7.52 -7.82
N LYS C 83 16.50 -7.26 -8.66
CA LYS C 83 17.83 -7.78 -8.37
C LYS C 83 18.30 -7.16 -7.03
N GLU C 84 18.20 -5.84 -6.92
CA GLU C 84 18.61 -5.13 -5.71
C GLU C 84 17.96 -5.69 -4.45
N SER C 85 16.66 -5.94 -4.51
CA SER C 85 15.93 -6.47 -3.36
C SER C 85 16.46 -7.82 -2.91
N VAL C 86 16.71 -8.70 -3.87
CA VAL C 86 17.22 -10.02 -3.56
C VAL C 86 18.63 -9.93 -2.94
N GLU C 87 19.49 -9.11 -3.54
CA GLU C 87 20.84 -8.92 -3.01
C GLU C 87 20.69 -8.41 -1.58
N ALA C 88 19.78 -7.46 -1.40
CA ALA C 88 19.54 -6.88 -0.07
C ALA C 88 19.02 -7.95 0.89
N MET C 89 18.05 -8.72 0.42
CA MET C 89 17.47 -9.77 1.24
C MET C 89 18.55 -10.70 1.77
N ILE C 90 19.53 -11.00 0.92
CA ILE C 90 20.64 -11.89 1.30
C ILE C 90 21.62 -11.17 2.23
N ILE C 91 21.85 -9.89 1.97
CA ILE C 91 22.75 -9.14 2.83
C ILE C 91 22.19 -9.17 4.24
N ALA C 92 20.91 -8.88 4.35
CA ALA C 92 20.22 -8.85 5.63
C ALA C 92 20.06 -10.25 6.25
N GLY C 93 19.86 -11.24 5.38
CA GLY C 93 19.70 -12.60 5.87
C GLY C 93 20.96 -13.00 6.61
N LYS C 94 22.11 -12.81 5.96
CA LYS C 94 23.38 -13.13 6.57
C LYS C 94 23.55 -12.42 7.91
N SER C 95 23.43 -11.09 7.90
CA SER C 95 23.55 -10.35 9.16
C SER C 95 22.58 -10.88 10.22
N ALA C 96 21.36 -11.25 9.83
CA ALA C 96 20.41 -11.77 10.80
C ALA C 96 20.96 -13.08 11.38
N ASN C 97 21.44 -13.95 10.49
CA ASN C 97 22.00 -15.24 10.91
C ASN C 97 23.20 -15.00 11.82
N GLU C 98 23.98 -13.97 11.52
CA GLU C 98 25.16 -13.64 12.32
C GLU C 98 24.77 -13.13 13.71
N HIS C 99 23.55 -12.60 13.85
CA HIS C 99 23.12 -12.12 15.15
C HIS C 99 22.03 -12.96 15.79
N GLY C 100 21.88 -14.20 15.30
CA GLY C 100 20.88 -15.09 15.84
C GLY C 100 19.42 -14.67 15.65
N VAL C 101 19.18 -13.74 14.73
CA VAL C 101 17.82 -13.27 14.47
C VAL C 101 17.11 -14.23 13.52
N PRO C 102 15.96 -14.77 13.93
CA PRO C 102 15.21 -15.70 13.08
C PRO C 102 14.75 -15.04 11.78
N VAL C 103 15.04 -15.70 10.66
CA VAL C 103 14.67 -15.20 9.34
C VAL C 103 13.54 -16.03 8.75
N ILE C 104 12.50 -15.34 8.26
CA ILE C 104 11.34 -16.00 7.66
C ILE C 104 11.22 -15.67 6.18
N LEU C 105 10.98 -16.68 5.36
CA LEU C 105 10.86 -16.50 3.91
C LEU C 105 9.47 -16.79 3.37
N ASP C 106 8.99 -15.91 2.50
CA ASP C 106 7.69 -16.07 1.88
C ASP C 106 7.97 -16.07 0.37
N PRO C 107 8.10 -17.27 -0.23
CA PRO C 107 8.39 -17.43 -1.66
C PRO C 107 7.21 -17.07 -2.58
N VAL C 108 6.78 -15.83 -2.53
CA VAL C 108 5.65 -15.37 -3.34
C VAL C 108 5.89 -15.50 -4.84
N GLY C 109 5.16 -16.41 -5.48
CA GLY C 109 5.30 -16.58 -6.92
C GLY C 109 6.34 -17.57 -7.43
N ALA C 110 7.08 -18.21 -6.53
CA ALA C 110 8.08 -19.18 -6.96
C ALA C 110 7.32 -20.13 -7.88
N GLY C 111 7.85 -20.35 -9.09
CA GLY C 111 7.18 -21.22 -10.03
C GLY C 111 6.55 -20.46 -11.18
N ALA C 112 5.87 -19.36 -10.87
CA ALA C 112 5.21 -18.56 -11.90
C ALA C 112 6.24 -18.13 -12.97
N THR C 113 7.43 -17.74 -12.52
CA THR C 113 8.49 -17.35 -13.43
C THR C 113 9.79 -17.95 -12.90
N PRO C 114 10.70 -18.32 -13.80
CA PRO C 114 11.96 -18.89 -13.30
C PRO C 114 12.74 -17.91 -12.44
N PHE C 115 12.52 -16.62 -12.63
CA PHE C 115 13.24 -15.61 -11.85
C PHE C 115 12.88 -15.69 -10.37
N ARG C 116 11.58 -15.82 -10.08
CA ARG C 116 11.15 -15.94 -8.71
C ARG C 116 11.68 -17.24 -8.14
N THR C 117 11.63 -18.30 -8.96
CA THR C 117 12.10 -19.61 -8.55
C THR C 117 13.59 -19.60 -8.18
N GLU C 118 14.41 -19.03 -9.05
CA GLU C 118 15.85 -18.98 -8.79
C GLU C 118 16.18 -18.13 -7.57
N SER C 119 15.54 -16.96 -7.46
CA SER C 119 15.79 -16.06 -6.33
C SER C 119 15.46 -16.71 -4.99
N ALA C 120 14.33 -17.40 -4.93
CA ALA C 120 13.94 -18.08 -3.70
C ALA C 120 15.02 -19.10 -3.33
N ARG C 121 15.54 -19.79 -4.34
CA ARG C 121 16.58 -20.79 -4.12
C ARG C 121 17.94 -20.16 -3.78
N ASP C 122 18.15 -18.95 -4.28
CA ASP C 122 19.39 -18.22 -4.02
C ASP C 122 19.41 -17.83 -2.55
N ILE C 123 18.24 -17.44 -2.05
CA ILE C 123 18.11 -17.03 -0.66
C ILE C 123 18.30 -18.20 0.31
N ILE C 124 17.75 -19.36 -0.06
CA ILE C 124 17.86 -20.56 0.76
C ILE C 124 19.31 -21.05 0.86
N ARG C 125 20.07 -20.93 -0.24
CA ARG C 125 21.46 -21.35 -0.25
C ARG C 125 22.34 -20.42 0.57
N GLU C 126 22.01 -19.13 0.54
CA GLU C 126 22.78 -18.10 1.24
C GLU C 126 22.33 -17.76 2.66
N VAL C 127 21.09 -18.09 2.98
CA VAL C 127 20.56 -17.75 4.30
C VAL C 127 19.92 -18.89 5.05
N ARG C 128 20.22 -19.01 6.34
CA ARG C 128 19.64 -20.04 7.18
C ARG C 128 18.27 -19.49 7.55
N LEU C 129 17.23 -20.25 7.25
CA LEU C 129 15.86 -19.82 7.52
C LEU C 129 15.20 -20.58 8.66
N ALA C 130 14.51 -19.85 9.51
CA ALA C 130 13.81 -20.47 10.63
C ALA C 130 12.55 -21.13 10.09
N ALA C 131 11.93 -20.49 9.10
CA ALA C 131 10.72 -21.02 8.50
C ALA C 131 10.48 -20.47 7.11
N ILE C 132 9.61 -21.13 6.36
CA ILE C 132 9.23 -20.72 5.01
C ILE C 132 7.72 -20.92 4.87
N ARG C 133 7.01 -19.85 4.52
CA ARG C 133 5.57 -19.94 4.37
C ARG C 133 5.12 -19.57 2.96
N GLY C 134 4.19 -20.34 2.42
CA GLY C 134 3.70 -20.09 1.08
C GLY C 134 2.68 -21.14 0.72
N ASN C 135 2.10 -21.07 -0.47
CA ASN C 135 1.12 -22.08 -0.82
C ASN C 135 1.80 -23.34 -1.34
N ALA C 136 1.00 -24.38 -1.55
CA ALA C 136 1.51 -25.67 -2.01
C ALA C 136 2.42 -25.58 -3.22
N ALA C 137 2.02 -24.86 -4.25
CA ALA C 137 2.83 -24.76 -5.46
C ALA C 137 4.16 -24.01 -5.25
N GLU C 138 4.10 -22.86 -4.61
CA GLU C 138 5.31 -22.07 -4.35
C GLU C 138 6.31 -22.91 -3.57
N ILE C 139 5.83 -23.58 -2.53
CA ILE C 139 6.68 -24.44 -1.72
C ILE C 139 7.34 -25.52 -2.59
N ALA C 140 6.55 -26.15 -3.45
CA ALA C 140 7.04 -27.22 -4.32
C ALA C 140 8.10 -26.75 -5.31
N HIS C 141 7.93 -25.56 -5.88
CA HIS C 141 8.93 -25.05 -6.83
C HIS C 141 10.19 -24.62 -6.09
N THR C 142 10.03 -24.09 -4.90
CA THR C 142 11.15 -23.62 -4.10
C THR C 142 12.13 -24.76 -3.74
N VAL C 143 11.59 -25.90 -3.32
CA VAL C 143 12.39 -27.05 -2.92
C VAL C 143 12.77 -28.06 -4.01
N GLY C 144 11.88 -28.29 -4.98
CA GLY C 144 12.16 -29.25 -6.04
C GLY C 144 10.95 -30.01 -6.56
N VAL C 145 10.99 -30.42 -7.82
CA VAL C 145 9.84 -31.15 -8.35
C VAL C 145 9.93 -31.54 -9.81
N THR C 146 9.08 -30.92 -10.62
CA THR C 146 9.04 -31.21 -12.04
C THR C 146 7.61 -31.46 -12.45
N ASP C 147 7.02 -32.51 -11.86
CA ASP C 147 5.64 -32.85 -12.14
C ASP C 147 4.75 -32.35 -11.01
N TRP C 148 4.41 -31.06 -11.07
CA TRP C 148 3.57 -30.46 -10.05
C TRP C 148 2.09 -30.69 -10.30
N LEU C 149 1.35 -30.96 -9.23
CA LEU C 149 -0.07 -31.22 -9.36
C LEU C 149 -0.39 -32.65 -8.97
N GLY C 160 -0.36 -35.62 -1.84
CA GLY C 160 0.13 -35.86 -0.45
C GLY C 160 0.94 -34.70 0.12
N ASP C 161 0.30 -33.55 0.25
CA ASP C 161 1.01 -32.40 0.78
C ASP C 161 0.84 -32.37 2.29
N ILE C 162 -0.35 -32.79 2.73
CA ILE C 162 -0.69 -32.82 4.14
C ILE C 162 0.20 -33.68 5.00
N ILE C 163 1.49 -33.61 4.72
CA ILE C 163 2.44 -34.39 5.47
C ILE C 163 3.64 -34.56 4.58
N ARG C 164 3.58 -35.56 3.71
CA ARG C 164 4.68 -35.87 2.80
C ARG C 164 5.47 -34.66 2.30
N LEU C 165 4.87 -33.85 1.44
CA LEU C 165 5.56 -32.67 0.90
C LEU C 165 6.10 -31.77 1.99
N ALA C 166 5.23 -31.38 2.92
CA ALA C 166 5.65 -30.50 4.00
C ALA C 166 6.86 -31.05 4.73
N GLN C 167 6.74 -32.26 5.25
CA GLN C 167 7.81 -32.92 5.99
C GLN C 167 9.09 -33.21 5.20
N GLN C 168 8.95 -33.60 3.93
CA GLN C 168 10.12 -33.88 3.10
C GLN C 168 10.81 -32.55 2.78
N ALA C 169 10.03 -31.48 2.67
CA ALA C 169 10.58 -30.17 2.38
C ALA C 169 11.40 -29.71 3.57
N ALA C 170 10.88 -29.97 4.76
CA ALA C 170 11.55 -29.60 5.99
C ALA C 170 12.84 -30.40 6.14
N GLN C 171 12.77 -31.69 5.83
CA GLN C 171 13.94 -32.56 5.92
C GLN C 171 15.08 -32.15 4.99
N LYS C 172 14.74 -31.73 3.77
CA LYS C 172 15.78 -31.31 2.83
C LYS C 172 16.42 -29.97 3.21
N LEU C 173 15.60 -28.92 3.30
CA LEU C 173 16.10 -27.58 3.63
C LEU C 173 16.30 -27.36 5.13
N ASN C 174 16.20 -28.43 5.92
CA ASN C 174 16.40 -28.35 7.36
C ASN C 174 15.88 -27.04 7.95
N THR C 175 14.58 -26.81 7.81
CA THR C 175 13.94 -25.61 8.31
C THR C 175 12.51 -25.97 8.65
N VAL C 176 11.67 -24.96 8.85
CA VAL C 176 10.27 -25.21 9.13
C VAL C 176 9.48 -24.83 7.89
N ILE C 177 8.69 -25.77 7.40
CA ILE C 177 7.87 -25.57 6.21
C ILE C 177 6.39 -25.47 6.60
N ALA C 178 5.78 -24.34 6.26
CA ALA C 178 4.37 -24.10 6.56
C ALA C 178 3.61 -23.83 5.26
N ILE C 179 2.79 -24.79 4.84
CA ILE C 179 2.00 -24.65 3.62
C ILE C 179 0.59 -24.29 4.03
N THR C 180 0.22 -23.02 3.93
CA THR C 180 -1.12 -22.61 4.31
C THR C 180 -2.16 -22.90 3.23
N GLY C 181 -3.43 -22.81 3.61
CA GLY C 181 -4.53 -23.07 2.70
C GLY C 181 -5.78 -23.34 3.52
N GLU C 182 -6.79 -23.98 2.91
CA GLU C 182 -8.02 -24.28 3.65
C GLU C 182 -7.60 -25.04 4.89
N VAL C 183 -6.66 -25.95 4.71
CA VAL C 183 -6.09 -26.70 5.81
C VAL C 183 -4.62 -26.35 5.80
N ASP C 184 -4.03 -26.15 6.96
CA ASP C 184 -2.63 -25.78 7.02
C ASP C 184 -1.77 -26.95 7.42
N VAL C 185 -0.64 -27.11 6.74
CA VAL C 185 0.30 -28.19 7.06
C VAL C 185 1.62 -27.58 7.54
N ILE C 186 1.91 -27.71 8.82
CA ILE C 186 3.15 -27.18 9.37
C ILE C 186 4.06 -28.36 9.71
N ALA C 187 5.34 -28.23 9.38
CA ALA C 187 6.26 -29.32 9.65
C ALA C 187 7.71 -28.91 9.78
N ASP C 188 8.48 -29.77 10.44
CA ASP C 188 9.91 -29.55 10.62
C ASP C 188 10.47 -30.91 10.22
N THR C 189 11.79 -31.08 10.31
CA THR C 189 12.40 -32.34 9.91
C THR C 189 11.79 -33.64 10.46
N SER C 190 11.05 -33.59 11.56
CA SER C 190 10.47 -34.83 12.08
C SER C 190 9.12 -34.73 12.79
N HIS C 191 8.40 -33.63 12.58
CA HIS C 191 7.08 -33.46 13.18
C HIS C 191 6.19 -32.72 12.19
N VAL C 192 4.89 -32.94 12.26
CA VAL C 192 3.95 -32.28 11.35
C VAL C 192 2.57 -32.09 11.97
N TYR C 193 1.94 -30.95 11.66
CA TYR C 193 0.62 -30.61 12.18
C TYR C 193 -0.31 -30.08 11.07
N THR C 194 -1.60 -29.99 11.40
CA THR C 194 -2.60 -29.47 10.48
C THR C 194 -3.46 -28.52 11.32
N LEU C 195 -3.68 -27.32 10.81
CA LEU C 195 -4.47 -26.31 11.51
C LEU C 195 -5.77 -26.18 10.74
N HIS C 196 -6.85 -25.90 11.45
CA HIS C 196 -8.18 -25.81 10.83
C HIS C 196 -8.92 -24.53 11.19
N ASN C 197 -8.18 -23.43 11.22
CA ASN C 197 -8.76 -22.14 11.54
C ASN C 197 -8.72 -21.21 10.32
N GLY C 198 -9.34 -20.04 10.47
CA GLY C 198 -9.36 -19.06 9.40
C GLY C 198 -10.71 -18.99 8.69
N HIS C 199 -10.75 -18.27 7.58
CA HIS C 199 -11.98 -18.13 6.80
C HIS C 199 -11.65 -17.98 5.31
N LYS C 200 -12.57 -18.40 4.45
CA LYS C 200 -12.37 -18.33 3.01
C LYS C 200 -12.18 -16.91 2.46
N LEU C 201 -12.59 -15.90 3.23
CA LEU C 201 -12.45 -14.51 2.80
C LEU C 201 -11.01 -14.00 2.77
N LEU C 202 -10.09 -14.71 3.43
CA LEU C 202 -8.68 -14.31 3.43
C LEU C 202 -8.14 -14.46 2.02
N THR C 203 -8.86 -15.20 1.19
CA THR C 203 -8.43 -15.40 -0.19
C THR C 203 -8.77 -14.15 -1.02
N LYS C 204 -9.60 -13.28 -0.47
CA LYS C 204 -10.01 -12.06 -1.18
C LYS C 204 -9.28 -10.78 -0.77
N VAL C 205 -8.27 -10.92 0.07
CA VAL C 205 -7.51 -9.78 0.54
C VAL C 205 -6.06 -9.96 0.12
N THR C 206 -5.51 -8.96 -0.57
CA THR C 206 -4.14 -9.04 -1.02
C THR C 206 -3.24 -8.86 0.19
N GLY C 207 -2.18 -9.66 0.29
CA GLY C 207 -1.31 -9.53 1.43
C GLY C 207 -1.69 -10.41 2.61
N ALA C 208 -2.87 -10.99 2.59
CA ALA C 208 -3.32 -11.87 3.67
C ALA C 208 -2.17 -12.81 4.05
N GLY C 209 -1.52 -13.38 3.03
CA GLY C 209 -0.41 -14.27 3.28
C GLY C 209 0.88 -13.55 3.67
N SER C 210 1.17 -12.42 3.06
CA SER C 210 2.38 -11.67 3.38
C SER C 210 2.29 -11.15 4.80
N LEU C 211 1.07 -10.80 5.20
CA LEU C 211 0.85 -10.32 6.54
C LEU C 211 1.08 -11.48 7.49
N LEU C 212 0.58 -12.66 7.11
CA LEU C 212 0.72 -13.84 7.93
C LEU C 212 2.18 -14.22 8.10
N THR C 213 2.95 -14.21 7.03
CA THR C 213 4.35 -14.55 7.16
C THR C 213 4.98 -13.56 8.15
N SER C 214 4.55 -12.31 8.09
CA SER C 214 5.07 -11.31 9.02
C SER C 214 4.70 -11.65 10.46
N VAL C 215 3.45 -12.04 10.68
CA VAL C 215 3.00 -12.43 12.02
C VAL C 215 3.83 -13.64 12.48
N VAL C 216 4.27 -14.46 11.53
CA VAL C 216 5.09 -15.62 11.85
C VAL C 216 6.43 -15.13 12.39
N GLY C 217 6.90 -14.02 11.82
CA GLY C 217 8.15 -13.45 12.26
C GLY C 217 8.02 -12.98 13.70
N ALA C 218 6.97 -12.23 13.99
CA ALA C 218 6.75 -11.73 15.34
C ALA C 218 6.78 -12.88 16.36
N PHE C 219 6.03 -13.95 16.08
CA PHE C 219 5.97 -15.10 17.00
C PHE C 219 7.32 -15.80 17.13
N CYS C 220 8.06 -15.88 16.03
CA CYS C 220 9.37 -16.52 16.07
C CYS C 220 10.30 -15.71 16.97
N ALA C 221 10.03 -14.40 17.07
CA ALA C 221 10.85 -13.53 17.90
C ALA C 221 10.65 -13.78 19.39
N VAL C 222 9.53 -14.39 19.76
CA VAL C 222 9.24 -14.67 21.17
C VAL C 222 9.24 -16.17 21.50
N GLU C 223 9.23 -17.01 20.47
CA GLU C 223 9.23 -18.46 20.65
C GLU C 223 10.45 -19.12 20.01
N GLU C 224 11.30 -19.71 20.86
CA GLU C 224 12.51 -20.39 20.43
C GLU C 224 12.27 -21.42 19.31
N ASN C 225 11.27 -22.29 19.49
CA ASN C 225 10.97 -23.31 18.50
C ASN C 225 10.08 -22.76 17.39
N PRO C 226 10.66 -22.61 16.19
CA PRO C 226 9.94 -22.08 15.03
C PRO C 226 8.68 -22.86 14.66
N LEU C 227 8.71 -24.18 14.82
CA LEU C 227 7.55 -25.00 14.52
C LEU C 227 6.42 -24.53 15.40
N PHE C 228 6.73 -24.32 16.68
CA PHE C 228 5.75 -23.86 17.66
C PHE C 228 5.32 -22.41 17.39
N ALA C 229 6.29 -21.57 17.11
CA ALA C 229 6.02 -20.17 16.81
C ALA C 229 5.08 -20.09 15.59
N ALA C 230 5.43 -20.83 14.53
CA ALA C 230 4.64 -20.85 13.31
C ALA C 230 3.20 -21.29 13.58
N ILE C 231 3.05 -22.39 14.30
CA ILE C 231 1.74 -22.92 14.64
C ILE C 231 0.90 -21.93 15.47
N ALA C 232 1.54 -21.28 16.43
CA ALA C 232 0.85 -20.31 17.27
C ALA C 232 0.47 -19.06 16.46
N ALA C 233 1.34 -18.68 15.54
CA ALA C 233 1.12 -17.50 14.70
C ALA C 233 -0.08 -17.69 13.78
N ILE C 234 -0.07 -18.78 13.03
CA ILE C 234 -1.13 -19.07 12.07
C ILE C 234 -2.49 -19.30 12.74
N SER C 235 -2.49 -19.90 13.93
CA SER C 235 -3.73 -20.18 14.64
C SER C 235 -4.36 -18.90 15.14
N SER C 236 -3.56 -18.05 15.79
CA SER C 236 -4.07 -16.77 16.30
C SER C 236 -4.60 -15.97 15.10
N TYR C 237 -3.84 -16.00 14.01
CA TYR C 237 -4.20 -15.29 12.78
C TYR C 237 -5.51 -15.84 12.22
N GLY C 238 -5.63 -17.16 12.19
CA GLY C 238 -6.84 -17.80 11.70
C GLY C 238 -8.06 -17.51 12.55
N VAL C 239 -7.91 -17.57 13.87
CA VAL C 239 -9.04 -17.28 14.76
C VAL C 239 -9.49 -15.84 14.56
N ALA C 240 -8.54 -14.91 14.58
CA ALA C 240 -8.85 -13.49 14.38
C ALA C 240 -9.64 -13.39 13.08
N ALA C 241 -9.16 -14.08 12.05
CA ALA C 241 -9.81 -14.11 10.76
C ALA C 241 -11.25 -14.58 10.94
N GLN C 242 -11.44 -15.71 11.62
CA GLN C 242 -12.78 -16.24 11.88
C GLN C 242 -13.65 -15.23 12.57
N LEU C 243 -13.11 -14.60 13.62
CA LEU C 243 -13.84 -13.59 14.38
C LEU C 243 -14.21 -12.44 13.46
N ALA C 244 -13.28 -12.05 12.59
CA ALA C 244 -13.49 -10.95 11.67
C ALA C 244 -14.60 -11.25 10.65
N ALA C 245 -14.58 -12.45 10.10
CA ALA C 245 -15.58 -12.84 9.12
C ALA C 245 -17.00 -12.82 9.66
N GLN C 246 -17.16 -13.14 10.94
CA GLN C 246 -18.48 -13.16 11.55
C GLN C 246 -19.14 -11.78 11.58
N GLN C 247 -18.39 -10.76 11.94
CA GLN C 247 -18.96 -9.41 11.98
C GLN C 247 -19.21 -8.87 10.57
N THR C 248 -18.49 -9.40 9.58
CA THR C 248 -18.60 -8.90 8.21
C THR C 248 -18.51 -9.91 7.07
N ALA C 249 -19.45 -10.85 6.98
CA ALA C 249 -19.40 -11.84 5.90
C ALA C 249 -20.36 -11.45 4.79
N ASP C 250 -21.41 -10.72 5.16
CA ASP C 250 -22.40 -10.29 4.18
C ASP C 250 -22.00 -8.98 3.54
N LYS C 251 -21.11 -8.25 4.20
CA LYS C 251 -20.67 -6.97 3.68
C LYS C 251 -19.69 -7.04 2.51
N GLY C 252 -18.72 -7.96 2.61
CA GLY C 252 -17.75 -8.09 1.54
C GLY C 252 -16.30 -8.04 1.96
N PRO C 253 -15.38 -8.28 1.01
CA PRO C 253 -13.92 -8.28 1.20
C PRO C 253 -13.37 -7.00 1.81
N GLY C 254 -13.91 -5.86 1.41
CA GLY C 254 -13.44 -4.60 1.95
C GLY C 254 -13.62 -4.51 3.45
N SER C 255 -14.84 -4.78 3.92
CA SER C 255 -15.13 -4.72 5.34
C SER C 255 -14.33 -5.79 6.09
N PHE C 256 -14.21 -6.97 5.48
CA PHE C 256 -13.46 -8.04 6.07
C PHE C 256 -12.01 -7.60 6.30
N GLN C 257 -11.42 -7.03 5.26
CA GLN C 257 -10.03 -6.55 5.33
C GLN C 257 -9.86 -5.67 6.55
N ILE C 258 -10.76 -4.68 6.70
CA ILE C 258 -10.69 -3.78 7.84
C ILE C 258 -10.94 -4.52 9.16
N GLU C 259 -11.95 -5.37 9.18
CA GLU C 259 -12.26 -6.14 10.39
C GLU C 259 -11.09 -7.01 10.82
N LEU C 260 -10.39 -7.61 9.86
CA LEU C 260 -9.26 -8.45 10.19
C LEU C 260 -8.25 -7.63 11.02
N LEU C 261 -8.00 -6.39 10.60
CA LEU C 261 -7.08 -5.53 11.33
C LEU C 261 -7.64 -5.24 12.72
N ASN C 262 -8.95 -5.06 12.83
CA ASN C 262 -9.59 -4.81 14.12
C ASN C 262 -9.39 -6.01 15.06
N LYS C 263 -9.68 -7.20 14.57
CA LYS C 263 -9.58 -8.42 15.37
C LYS C 263 -8.15 -8.78 15.80
N LEU C 264 -7.17 -8.52 14.94
CA LEU C 264 -5.81 -8.82 15.31
C LEU C 264 -5.45 -8.11 16.61
N SER C 265 -6.13 -7.01 16.91
CA SER C 265 -5.85 -6.28 18.14
C SER C 265 -6.78 -6.66 19.30
N THR C 266 -8.04 -6.99 19.01
CA THR C 266 -8.98 -7.37 20.08
C THR C 266 -9.11 -8.87 20.36
N VAL C 267 -8.54 -9.74 19.54
CA VAL C 267 -8.64 -11.17 19.82
C VAL C 267 -7.82 -11.42 21.08
N THR C 268 -8.37 -12.21 22.00
CA THR C 268 -7.69 -12.50 23.27
C THR C 268 -7.12 -13.91 23.29
N GLU C 269 -6.28 -14.19 24.28
CA GLU C 269 -5.70 -15.53 24.38
C GLU C 269 -6.82 -16.51 24.71
N GLN C 270 -7.93 -15.98 25.23
CA GLN C 270 -9.10 -16.81 25.53
C GLN C 270 -9.68 -17.29 24.21
N ASP C 271 -9.85 -16.36 23.27
CA ASP C 271 -10.39 -16.67 21.95
C ASP C 271 -9.56 -17.75 21.26
N VAL C 272 -8.24 -17.62 21.34
CA VAL C 272 -7.33 -18.57 20.73
C VAL C 272 -7.37 -19.96 21.40
N GLN C 273 -7.45 -19.99 22.71
CA GLN C 273 -7.47 -21.26 23.43
C GLN C 273 -8.74 -22.05 23.18
N GLU C 274 -9.84 -21.35 22.95
CA GLU C 274 -11.08 -22.06 22.72
C GLU C 274 -11.45 -22.32 21.27
N TRP C 275 -10.91 -21.50 20.35
CA TRP C 275 -11.24 -21.65 18.93
C TRP C 275 -10.17 -22.38 18.12
N ALA C 276 -8.91 -22.17 18.47
CA ALA C 276 -7.83 -22.81 17.76
C ALA C 276 -8.03 -24.32 17.68
N THR C 277 -7.89 -24.85 16.48
CA THR C 277 -8.03 -26.28 16.25
C THR C 277 -6.71 -26.75 15.63
N ILE C 278 -5.87 -27.35 16.47
CA ILE C 278 -4.56 -27.86 16.07
C ILE C 278 -4.56 -29.39 16.15
N GLU C 279 -4.07 -30.04 15.10
CA GLU C 279 -4.03 -31.49 15.05
C GLU C 279 -2.63 -32.04 14.80
N ARG C 280 -2.14 -32.84 15.74
CA ARG C 280 -0.81 -33.45 15.63
C ARG C 280 -0.94 -34.64 14.69
N VAL C 281 -0.17 -34.64 13.61
CA VAL C 281 -0.23 -35.72 12.64
C VAL C 281 0.77 -36.83 12.97
N THR C 282 0.28 -38.07 13.05
CA THR C 282 1.13 -39.22 13.33
C THR C 282 1.94 -39.48 12.06
N VAL C 283 3.26 -39.59 12.21
CA VAL C 283 4.12 -39.79 11.06
C VAL C 283 5.35 -40.66 11.33
N SER C 284 6.06 -41.03 10.26
CA SER C 284 7.29 -41.82 10.36
C SER C 284 7.05 -43.23 10.88
#